data_4DTO
#
_entry.id   4DTO
#
_cell.length_a   78.238
_cell.length_b   119.256
_cell.length_c   130.920
_cell.angle_alpha   90.00
_cell.angle_beta   90.00
_cell.angle_gamma   90.00
#
_symmetry.space_group_name_H-M   'P 21 21 21'
#
loop_
_entity.id
_entity.type
_entity.pdbx_description
1 polymer 'DNA polymerase'
2 polymer 'DNA template'
3 polymer 'DNA primer'
4 non-polymer "2'-DEOXYCYTIDINE-5'-TRIPHOSPHATE"
5 non-polymer 'CALCIUM ION'
6 water water
#
loop_
_entity_poly.entity_id
_entity_poly.type
_entity_poly.pdbx_seq_one_letter_code
_entity_poly.pdbx_strand_id
1 'polypeptide(L)'
;MKEFYLTVEQIGDSIFERYIDSNGRERTREVEYKPSLFAHCPESQATKYFDIYGKPCTRKLFANMRDASQWIKRMEDIGL
EALGMDDFKLAYLSDTYNYEIKYDHTKIRVANFDIEVTSPDGFPEPSQAKHPIDAITHYDSIDDRFYVFDLLNSPYGNVE
EWSIEIAAKLQEQGGDEVPSEIIDKIIYMPFDNEKELLMEYLNFWQQKTPVILTGWNVESFAIPYVYNRIKNIFGESTAK
RLSPHRKTRVKVIENMYGSREIITLFGISVLDYIDLYKKFSFTNQPSYSLDYISEFELNVGKLKYDGPISKLRESNHQRY
ISYNIIAVYRVLQIDAKRQFINLSLDMGYYAKIQIQSVFSPIKTWDAIIFNSLKEQNKVIPQGRSHPVQPYPGAFVKEPI
PNRYKYVMSFDLTSLYPSIIRQVNISPETIAGTFKVAPLHDYINAVAERPSDVYSCSPNGMMYYKDRDGVVPTEITKVFN
QRKEHKGYMLAAQRNGEIIKEALHNPNLSVDEPLDVDYRFDFSDEIKEKIKKLSAKSLNEMLFRAQRTEVAGMTAQINRK
ALINGLAGALGNVWFRYYDLRNATAITTFGQMALQWIERKVNEYLNEVCGTEGEAFVLYGDTDSIYVSADKIIDKVGESK
FRDTNHWVDFLDKFARERMEPAIDRGFREMCEYMNNKQHLMFMDREAIAGPPLGSKGIGGFWTGKKRYALNVWDMEGTRY
AEPKLKIMGLETQKSSTPKAVQKALKECIRRMLQEGEESLQEYFKEFEKEFRQLNYISIASVSSANNIAKYDVGGFPGPK
CPFHIRGILTYNRAIKGNIDAPQVVEGEKVYVLPLREGNPFGDKCIAWPSGTEITDLIKDDVLHWMDYTVLLEKTFIKPL
EGFTSAAKLDYEKKASLFDMFDF
;
A
2 'polydeoxyribonucleotide' (DC)(DA)(3DR)(DT)(DT)(DA)(DA)(DG)(DC)(DA)(DG)(DT)(DC)(DC)(DG)(DC)(DG) T
3 'polydeoxyribonucleotide' (DG)(DC)(DG)(DG)(DA)(DC)(DT)(DG)(DC)(DT)(DT)(DA)(DA) P
#
loop_
_chem_comp.id
_chem_comp.type
_chem_comp.name
_chem_comp.formula
3DR DNA linking 1',2'-DIDEOXYRIBOFURANOSE-5'-PHOSPHATE 'C5 H11 O6 P'
CA non-polymer 'CALCIUM ION' 'Ca 2'
DA DNA linking 2'-DEOXYADENOSINE-5'-MONOPHOSPHATE 'C10 H14 N5 O6 P'
DC DNA linking 2'-DEOXYCYTIDINE-5'-MONOPHOSPHATE 'C9 H14 N3 O7 P'
DCP non-polymer 2'-DEOXYCYTIDINE-5'-TRIPHOSPHATE 'C9 H16 N3 O13 P3'
DG DNA linking 2'-DEOXYGUANOSINE-5'-MONOPHOSPHATE 'C10 H14 N5 O7 P'
DT DNA linking THYMIDINE-5'-MONOPHOSPHATE 'C10 H15 N2 O8 P'
#
# COMPACT_ATOMS: atom_id res chain seq x y z
N MET A 1 17.46 3.42 -30.88
CA MET A 1 17.15 3.38 -29.42
C MET A 1 17.93 2.26 -28.74
N LYS A 2 18.17 2.41 -27.44
CA LYS A 2 18.82 1.35 -26.66
C LYS A 2 17.86 0.19 -26.42
N GLU A 3 18.42 -1.02 -26.40
CA GLU A 3 17.61 -2.23 -26.23
C GLU A 3 17.26 -2.42 -24.75
N PHE A 4 16.14 -3.08 -24.51
CA PHE A 4 15.76 -3.44 -23.15
C PHE A 4 14.92 -4.71 -23.14
N TYR A 5 15.09 -5.51 -22.09
CA TYR A 5 14.34 -6.77 -21.95
C TYR A 5 12.86 -6.53 -21.69
N LEU A 6 12.06 -7.51 -22.05
CA LEU A 6 10.64 -7.52 -21.70
C LEU A 6 10.42 -8.57 -20.62
N THR A 7 10.83 -9.81 -20.89
CA THR A 7 10.76 -10.89 -19.91
C THR A 7 12.01 -11.75 -20.02
N VAL A 8 12.27 -12.52 -18.97
CA VAL A 8 13.38 -13.46 -18.93
C VAL A 8 12.98 -14.67 -18.10
N GLU A 9 13.33 -15.87 -18.56
CA GLU A 9 13.09 -17.10 -17.82
C GLU A 9 14.31 -18.00 -17.89
N GLN A 10 14.49 -18.84 -16.87
CA GLN A 10 15.42 -19.95 -16.97
C GLN A 10 14.60 -21.24 -17.11
N ILE A 11 14.92 -22.01 -18.15
CA ILE A 11 14.29 -23.31 -18.39
C ILE A 11 15.40 -24.31 -18.68
N GLY A 12 15.77 -25.08 -17.65
CA GLY A 12 16.94 -25.96 -17.74
C GLY A 12 18.19 -25.15 -18.01
N ASP A 13 18.91 -25.52 -19.07
CA ASP A 13 20.16 -24.85 -19.41
C ASP A 13 19.99 -23.67 -20.38
N SER A 14 18.75 -23.23 -20.54
CA SER A 14 18.44 -22.13 -21.45
C SER A 14 17.87 -20.92 -20.74
N ILE A 15 18.33 -19.74 -21.17
CA ILE A 15 17.68 -18.49 -20.85
C ILE A 15 16.76 -18.13 -22.03
N PHE A 16 15.48 -17.94 -21.75
CA PHE A 16 14.52 -17.50 -22.74
C PHE A 16 14.19 -16.03 -22.47
N GLU A 17 14.49 -15.18 -23.45
CA GLU A 17 14.29 -13.74 -23.28
C GLU A 17 13.44 -13.16 -24.40
N ARG A 18 12.42 -12.41 -24.00
CA ARG A 18 11.71 -11.51 -24.90
C ARG A 18 12.27 -10.12 -24.64
N TYR A 19 12.46 -9.35 -25.70
CA TYR A 19 13.09 -8.03 -25.60
C TYR A 19 12.69 -7.13 -26.76
N ILE A 20 13.03 -5.85 -26.64
CA ILE A 20 12.86 -4.88 -27.70
C ILE A 20 14.23 -4.57 -28.28
N ASP A 21 14.38 -4.69 -29.61
CA ASP A 21 15.67 -4.44 -30.25
C ASP A 21 15.91 -2.96 -30.55
N SER A 22 17.04 -2.64 -31.18
CA SER A 22 17.46 -1.26 -31.44
C SER A 22 16.55 -0.51 -32.40
N ASN A 23 15.78 -1.26 -33.19
CA ASN A 23 14.76 -0.69 -34.07
C ASN A 23 13.40 -0.58 -33.37
N GLY A 24 13.33 -1.00 -32.13
CA GLY A 24 12.08 -0.95 -31.36
C GLY A 24 11.11 -2.05 -31.70
N ARG A 25 11.64 -3.17 -32.19
CA ARG A 25 10.84 -4.35 -32.53
C ARG A 25 10.92 -5.38 -31.42
N GLU A 26 9.80 -6.05 -31.15
CA GLU A 26 9.78 -7.15 -30.19
C GLU A 26 10.39 -8.42 -30.76
N ARG A 27 11.32 -9.00 -30.01
CA ARG A 27 12.03 -10.19 -30.41
C ARG A 27 12.08 -11.20 -29.27
N THR A 28 12.40 -12.45 -29.61
CA THR A 28 12.62 -13.51 -28.62
C THR A 28 13.90 -14.22 -29.00
N ARG A 29 14.63 -14.72 -28.00
CA ARG A 29 15.81 -15.54 -28.25
C ARG A 29 16.04 -16.53 -27.10
N GLU A 30 16.58 -17.69 -27.46
CA GLU A 30 16.97 -18.70 -26.48
C GLU A 30 18.49 -18.71 -26.40
N VAL A 31 19.03 -18.48 -25.20
CA VAL A 31 20.49 -18.43 -24.99
C VAL A 31 20.97 -19.51 -24.02
N GLU A 32 21.89 -20.35 -24.47
CA GLU A 32 22.55 -21.34 -23.62
C GLU A 32 23.57 -20.62 -22.74
N TYR A 33 23.08 -19.98 -21.68
CA TYR A 33 23.88 -19.05 -20.88
C TYR A 33 25.00 -19.74 -20.11
N LYS A 34 26.18 -19.16 -20.16
CA LYS A 34 27.35 -19.68 -19.44
C LYS A 34 27.64 -18.84 -18.20
N PRO A 35 27.16 -19.28 -17.03
CA PRO A 35 27.30 -18.49 -15.82
C PRO A 35 28.67 -18.62 -15.19
N SER A 36 29.02 -17.65 -14.35
CA SER A 36 30.20 -17.77 -13.50
C SER A 36 29.81 -17.70 -12.03
N LEU A 37 30.55 -18.45 -11.21
CA LEU A 37 30.52 -18.30 -9.76
C LEU A 37 31.98 -18.22 -9.29
N PHE A 38 32.19 -17.99 -8.01
CA PHE A 38 33.53 -17.69 -7.52
C PHE A 38 33.89 -18.49 -6.27
N ALA A 39 35.17 -18.75 -6.09
CA ALA A 39 35.68 -19.41 -4.91
C ALA A 39 36.85 -18.61 -4.36
N HIS A 40 36.98 -18.57 -3.04
CA HIS A 40 38.15 -17.94 -2.41
C HIS A 40 39.41 -18.65 -2.88
N CYS A 41 40.44 -17.86 -3.19
CA CYS A 41 41.74 -18.39 -3.61
C CYS A 41 42.83 -17.79 -2.72
N PRO A 42 44.06 -18.36 -2.76
CA PRO A 42 45.13 -17.77 -1.94
C PRO A 42 45.59 -16.42 -2.50
N GLU A 43 46.08 -15.57 -1.60
CA GLU A 43 46.54 -14.22 -1.95
C GLU A 43 47.57 -14.22 -3.08
N SER A 44 48.46 -15.22 -3.06
CA SER A 44 49.52 -15.38 -4.07
C SER A 44 48.99 -15.45 -5.51
N GLN A 45 47.73 -15.83 -5.67
CA GLN A 45 47.10 -15.91 -6.98
C GLN A 45 46.58 -14.53 -7.39
N ALA A 46 47.11 -14.01 -8.49
CA ALA A 46 46.67 -12.74 -9.05
C ALA A 46 45.26 -12.86 -9.62
N THR A 47 44.41 -11.88 -9.32
CA THR A 47 43.02 -11.90 -9.75
C THR A 47 42.43 -10.49 -9.78
N LYS A 48 41.38 -10.29 -10.57
CA LYS A 48 40.68 -9.02 -10.60
C LYS A 48 39.41 -9.05 -9.72
N TYR A 49 39.10 -10.24 -9.19
CA TYR A 49 37.87 -10.45 -8.42
C TYR A 49 38.14 -10.56 -6.93
N PHE A 50 37.45 -9.73 -6.15
CA PHE A 50 37.56 -9.71 -4.69
C PHE A 50 36.16 -9.75 -4.09
N ASP A 51 35.99 -10.47 -2.99
CA ASP A 51 34.70 -10.45 -2.29
C ASP A 51 34.54 -9.09 -1.60
N ILE A 52 33.42 -8.88 -0.92
CA ILE A 52 33.13 -7.54 -0.37
C ILE A 52 34.07 -7.13 0.78
N TYR A 53 34.72 -8.12 1.38
CA TYR A 53 35.67 -7.90 2.48
C TYR A 53 37.12 -7.83 1.98
N GLY A 54 37.29 -7.83 0.65
CA GLY A 54 38.60 -7.67 0.04
C GLY A 54 39.41 -8.94 -0.18
N LYS A 55 38.82 -10.08 0.13
CA LYS A 55 39.49 -11.36 -0.06
C LYS A 55 39.48 -11.75 -1.53
N PRO A 56 40.63 -12.23 -2.06
CA PRO A 56 40.73 -12.62 -3.46
C PRO A 56 39.86 -13.82 -3.81
N CYS A 57 39.27 -13.80 -5.00
CA CYS A 57 38.49 -14.90 -5.51
C CYS A 57 38.93 -15.32 -6.89
N THR A 58 38.75 -16.60 -7.20
CA THR A 58 38.98 -17.10 -8.53
C THR A 58 37.61 -17.30 -9.20
N ARG A 59 37.50 -16.88 -10.46
CA ARG A 59 36.27 -17.07 -11.24
C ARG A 59 36.18 -18.50 -11.77
N LYS A 60 35.00 -19.10 -11.66
CA LYS A 60 34.74 -20.39 -12.28
C LYS A 60 33.68 -20.23 -13.37
N LEU A 61 34.10 -20.39 -14.62
CA LEU A 61 33.18 -20.29 -15.77
C LEU A 61 32.63 -21.67 -16.08
N PHE A 62 31.31 -21.80 -16.04
CA PHE A 62 30.66 -23.09 -16.30
C PHE A 62 30.11 -23.23 -17.70
N ALA A 63 30.13 -24.47 -18.21
CA ALA A 63 29.63 -24.79 -19.55
C ALA A 63 28.11 -24.61 -19.66
N ASN A 64 27.40 -24.79 -18.54
CA ASN A 64 25.95 -24.59 -18.47
C ASN A 64 25.48 -24.29 -17.05
N MET A 65 24.21 -23.94 -16.91
CA MET A 65 23.63 -23.55 -15.62
C MET A 65 23.52 -24.71 -14.63
N ARG A 66 23.19 -25.89 -15.13
CA ARG A 66 23.15 -27.10 -14.30
C ARG A 66 24.50 -27.43 -13.67
N ASP A 67 25.57 -27.30 -14.44
CA ASP A 67 26.93 -27.53 -13.91
C ASP A 67 27.26 -26.56 -12.78
N ALA A 68 26.88 -25.30 -12.95
CA ALA A 68 27.07 -24.28 -11.90
C ALA A 68 26.31 -24.66 -10.63
N SER A 69 25.06 -25.11 -10.79
CA SER A 69 24.23 -25.55 -9.67
C SER A 69 24.79 -26.77 -8.93
N GLN A 70 25.27 -27.75 -9.69
CA GLN A 70 25.86 -28.97 -9.12
C GLN A 70 27.14 -28.65 -8.35
N TRP A 71 27.86 -27.61 -8.80
CA TRP A 71 29.08 -27.18 -8.13
C TRP A 71 28.79 -26.54 -6.79
N ILE A 72 27.72 -25.75 -6.74
CA ILE A 72 27.23 -25.20 -5.47
C ILE A 72 26.99 -26.32 -4.42
N LYS A 73 26.34 -27.40 -4.85
CA LYS A 73 26.09 -28.56 -3.97
C LYS A 73 27.39 -29.22 -3.48
N ARG A 74 28.33 -29.44 -4.39
CA ARG A 74 29.63 -30.04 -4.02
C ARG A 74 30.37 -29.15 -3.03
N MET A 75 30.38 -27.85 -3.30
CA MET A 75 31.01 -26.87 -2.40
C MET A 75 30.41 -26.92 -1.00
N GLU A 76 29.07 -26.95 -0.93
CA GLU A 76 28.36 -27.10 0.35
C GLU A 76 28.82 -28.36 1.09
N ASP A 77 28.95 -29.46 0.37
CA ASP A 77 29.36 -30.74 0.93
C ASP A 77 30.81 -30.72 1.41
N ILE A 78 31.67 -30.03 0.67
CA ILE A 78 33.06 -29.83 1.08
C ILE A 78 33.13 -28.90 2.30
N GLY A 79 32.23 -27.92 2.37
CA GLY A 79 32.20 -26.96 3.49
C GLY A 79 32.89 -25.64 3.18
N LEU A 80 32.81 -25.21 1.91
CA LEU A 80 33.44 -23.95 1.48
C LEU A 80 32.45 -23.08 0.73
N GLU A 81 32.58 -21.77 0.93
CA GLU A 81 31.66 -20.80 0.34
C GLU A 81 31.70 -20.84 -1.19
N ALA A 82 30.51 -20.80 -1.79
CA ALA A 82 30.36 -20.69 -3.23
C ALA A 82 29.78 -19.31 -3.48
N LEU A 83 30.62 -18.39 -3.95
CA LEU A 83 30.23 -16.99 -4.09
C LEU A 83 29.68 -16.68 -5.48
N GLY A 84 28.97 -15.56 -5.60
CA GLY A 84 28.40 -15.09 -6.87
C GLY A 84 26.88 -15.17 -6.93
N MET A 85 26.31 -14.62 -8.01
CA MET A 85 24.86 -14.62 -8.21
C MET A 85 24.34 -16.01 -8.60
N ASP A 86 23.58 -16.64 -7.71
CA ASP A 86 23.06 -17.99 -7.96
C ASP A 86 21.71 -18.01 -8.68
N ASP A 87 21.04 -16.86 -8.74
CA ASP A 87 19.86 -16.69 -9.59
C ASP A 87 20.39 -16.27 -10.96
N PHE A 88 20.53 -17.24 -11.86
CA PHE A 88 21.26 -17.03 -13.10
C PHE A 88 20.63 -16.03 -14.07
N LYS A 89 19.31 -15.89 -14.04
CA LYS A 89 18.68 -14.92 -14.94
C LYS A 89 18.96 -13.47 -14.52
N LEU A 90 19.23 -13.25 -13.23
CA LEU A 90 19.70 -11.94 -12.77
C LEU A 90 21.12 -11.66 -13.28
N ALA A 91 21.96 -12.69 -13.28
CA ALA A 91 23.30 -12.57 -13.86
C ALA A 91 23.20 -12.29 -15.35
N TYR A 92 22.31 -13.01 -16.03
CA TYR A 92 22.09 -12.83 -17.47
C TYR A 92 21.67 -11.39 -17.79
N LEU A 93 20.68 -10.87 -17.07
CA LEU A 93 20.22 -9.50 -17.27
C LEU A 93 21.34 -8.49 -17.06
N SER A 94 22.13 -8.72 -16.01
CA SER A 94 23.27 -7.88 -15.69
C SER A 94 24.36 -7.89 -16.77
N ASP A 95 24.65 -9.07 -17.33
CA ASP A 95 25.60 -9.21 -18.45
C ASP A 95 25.05 -8.60 -19.73
N THR A 96 23.76 -8.80 -19.98
CA THR A 96 23.15 -8.39 -21.24
C THR A 96 22.87 -6.89 -21.30
N TYR A 97 22.50 -6.31 -20.16
CA TYR A 97 22.15 -4.90 -20.07
C TYR A 97 23.08 -4.22 -19.08
N ASN A 98 24.31 -4.03 -19.51
CA ASN A 98 25.36 -3.47 -18.65
C ASN A 98 25.39 -1.95 -18.78
N TYR A 99 24.24 -1.34 -18.51
CA TYR A 99 24.04 0.10 -18.58
C TYR A 99 22.72 0.43 -17.88
N GLU A 100 22.44 1.72 -17.72
CA GLU A 100 21.18 2.14 -17.12
C GLU A 100 20.05 1.96 -18.14
N ILE A 101 19.10 1.10 -17.82
CA ILE A 101 18.04 0.77 -18.77
C ILE A 101 17.12 1.97 -18.97
N LYS A 102 16.97 2.35 -20.23
CA LYS A 102 16.04 3.39 -20.64
C LYS A 102 14.97 2.65 -21.42
N TYR A 103 13.76 2.61 -20.88
CA TYR A 103 12.71 1.80 -21.51
C TYR A 103 11.60 2.67 -22.11
N ASP A 104 10.91 2.13 -23.11
CA ASP A 104 9.82 2.84 -23.77
C ASP A 104 8.55 2.02 -23.60
N HIS A 105 7.68 2.50 -22.70
CA HIS A 105 6.47 1.79 -22.33
C HIS A 105 5.52 1.60 -23.48
N THR A 106 5.63 2.44 -24.52
CA THR A 106 4.76 2.32 -25.70
C THR A 106 5.09 1.06 -26.52
N LYS A 107 6.29 0.52 -26.32
CA LYS A 107 6.70 -0.73 -26.97
C LYS A 107 6.33 -1.97 -26.15
N ILE A 108 5.86 -1.76 -24.91
CA ILE A 108 5.57 -2.87 -23.99
C ILE A 108 4.09 -3.22 -24.05
N ARG A 109 3.78 -4.46 -24.43
CA ARG A 109 2.39 -4.88 -24.55
C ARG A 109 1.78 -5.15 -23.18
N VAL A 110 0.89 -4.27 -22.74
CA VAL A 110 0.20 -4.43 -21.46
C VAL A 110 -1.24 -4.87 -21.74
N ALA A 111 -1.57 -6.06 -21.25
CA ALA A 111 -2.90 -6.65 -21.46
C ALA A 111 -3.71 -6.64 -20.18
N ASN A 112 -4.95 -6.15 -20.28
CA ASN A 112 -5.90 -6.12 -19.17
C ASN A 112 -7.10 -6.93 -19.65
N PHE A 113 -7.43 -8.01 -18.94
CA PHE A 113 -8.54 -8.85 -19.38
C PHE A 113 -9.42 -9.34 -18.25
N ASP A 114 -10.61 -9.80 -18.60
CA ASP A 114 -11.48 -10.50 -17.66
C ASP A 114 -12.44 -11.39 -18.46
N ILE A 115 -12.89 -12.46 -17.82
CA ILE A 115 -13.76 -13.43 -18.46
C ILE A 115 -15.06 -13.55 -17.68
N GLU A 116 -16.10 -14.04 -18.33
CA GLU A 116 -17.35 -14.36 -17.66
C GLU A 116 -17.58 -15.84 -17.83
N VAL A 117 -18.17 -16.46 -16.80
CA VAL A 117 -18.47 -17.89 -16.81
C VAL A 117 -19.80 -18.10 -16.09
N THR A 118 -20.84 -18.48 -16.85
CA THR A 118 -22.14 -18.78 -16.23
C THR A 118 -22.07 -20.13 -15.52
N SER A 119 -22.49 -20.14 -14.25
CA SER A 119 -22.46 -21.35 -13.43
C SER A 119 -23.73 -21.47 -12.57
N PRO A 120 -24.62 -22.41 -12.92
CA PRO A 120 -25.86 -22.62 -12.17
C PRO A 120 -25.71 -23.46 -10.89
N ASP A 121 -24.48 -23.84 -10.54
CA ASP A 121 -24.26 -24.72 -9.39
C ASP A 121 -23.16 -24.24 -8.45
N GLY A 122 -23.13 -22.94 -8.17
CA GLY A 122 -22.13 -22.36 -7.29
C GLY A 122 -20.95 -21.80 -8.05
N PHE A 123 -19.95 -21.31 -7.32
CA PHE A 123 -18.78 -20.67 -7.90
C PHE A 123 -18.06 -21.57 -8.91
N PRO A 124 -17.78 -21.05 -10.12
CA PRO A 124 -17.07 -21.84 -11.14
C PRO A 124 -15.59 -21.99 -10.82
N GLU A 125 -15.23 -23.11 -10.18
CA GLU A 125 -13.86 -23.35 -9.71
C GLU A 125 -12.87 -23.47 -10.86
N PRO A 126 -11.80 -22.65 -10.85
CA PRO A 126 -10.80 -22.66 -11.93
C PRO A 126 -10.11 -24.01 -12.13
N SER A 127 -9.92 -24.79 -11.07
CA SER A 127 -9.23 -26.07 -11.20
C SER A 127 -10.09 -27.13 -11.87
N GLN A 128 -11.42 -26.96 -11.81
CA GLN A 128 -12.34 -27.88 -12.48
C GLN A 128 -12.73 -27.36 -13.87
N ALA A 129 -12.92 -26.04 -13.96
CA ALA A 129 -13.30 -25.39 -15.23
C ALA A 129 -14.35 -26.18 -16.01
N LYS A 130 -15.45 -26.52 -15.35
CA LYS A 130 -16.45 -27.40 -15.95
C LYS A 130 -17.53 -26.64 -16.73
N HIS A 131 -17.53 -25.32 -16.65
CA HIS A 131 -18.53 -24.50 -17.35
C HIS A 131 -17.93 -23.74 -18.49
N PRO A 132 -18.72 -23.48 -19.54
CA PRO A 132 -18.22 -22.72 -20.68
C PRO A 132 -17.80 -21.30 -20.32
N ILE A 133 -16.70 -20.84 -20.93
CA ILE A 133 -16.34 -19.43 -20.89
C ILE A 133 -17.24 -18.74 -21.90
N ASP A 134 -18.09 -17.82 -21.44
CA ASP A 134 -19.07 -17.19 -22.34
C ASP A 134 -18.82 -15.72 -22.68
N ALA A 135 -17.76 -15.14 -22.11
CA ALA A 135 -17.32 -13.80 -22.50
C ALA A 135 -15.87 -13.55 -22.12
N ILE A 136 -15.11 -12.91 -23.03
CA ILE A 136 -13.79 -12.40 -22.71
C ILE A 136 -13.66 -10.99 -23.27
N THR A 137 -13.24 -10.05 -22.42
CA THR A 137 -12.81 -8.74 -22.90
C THR A 137 -11.35 -8.59 -22.57
N HIS A 138 -10.57 -8.25 -23.60
CA HIS A 138 -9.12 -8.21 -23.54
C HIS A 138 -8.72 -6.90 -24.12
N TYR A 139 -8.23 -6.00 -23.26
CA TYR A 139 -7.69 -4.72 -23.72
C TYR A 139 -6.20 -4.85 -23.99
N ASP A 140 -5.78 -4.38 -25.17
CA ASP A 140 -4.37 -4.38 -25.56
C ASP A 140 -3.84 -2.93 -25.59
N SER A 141 -2.81 -2.65 -24.79
CA SER A 141 -2.27 -1.28 -24.67
C SER A 141 -1.61 -0.74 -25.93
N ILE A 142 -1.11 -1.63 -26.78
CA ILE A 142 -0.46 -1.21 -28.03
C ILE A 142 -1.51 -0.83 -29.09
N ASP A 143 -2.54 -1.66 -29.24
CA ASP A 143 -3.65 -1.33 -30.16
C ASP A 143 -4.58 -0.27 -29.59
N ASP A 144 -4.59 -0.14 -28.26
CA ASP A 144 -5.58 0.70 -27.56
C ASP A 144 -7.00 0.26 -27.96
N ARG A 145 -7.25 -1.05 -27.88
CA ARG A 145 -8.56 -1.61 -28.25
C ARG A 145 -9.03 -2.66 -27.25
N PHE A 146 -10.34 -2.65 -26.99
CA PHE A 146 -11.01 -3.69 -26.21
C PHE A 146 -11.53 -4.76 -27.16
N TYR A 147 -10.86 -5.91 -27.18
CA TYR A 147 -11.29 -7.05 -27.99
C TYR A 147 -12.29 -7.89 -27.20
N VAL A 148 -13.51 -7.98 -27.72
CA VAL A 148 -14.62 -8.62 -27.01
C VAL A 148 -15.05 -9.93 -27.68
N PHE A 149 -14.88 -11.03 -26.94
CA PHE A 149 -15.22 -12.37 -27.41
C PHE A 149 -16.51 -12.82 -26.74
N ASP A 150 -17.57 -12.97 -27.53
CA ASP A 150 -18.92 -13.18 -27.01
C ASP A 150 -19.52 -14.50 -27.48
N LEU A 151 -19.81 -15.38 -26.53
CA LEU A 151 -20.43 -16.67 -26.84
C LEU A 151 -21.95 -16.54 -26.92
N LEU A 152 -22.51 -16.85 -28.10
CA LEU A 152 -23.94 -16.72 -28.32
C LEU A 152 -24.71 -18.01 -28.00
N ASN A 153 -24.09 -19.16 -28.19
CA ASN A 153 -24.74 -20.45 -27.93
C ASN A 153 -24.03 -21.28 -26.87
N SER A 154 -24.81 -21.73 -25.89
CA SER A 154 -24.26 -22.39 -24.73
C SER A 154 -25.31 -23.34 -24.17
N PRO A 155 -24.89 -24.40 -23.46
CA PRO A 155 -25.84 -25.28 -22.78
C PRO A 155 -26.72 -24.52 -21.78
N TYR A 156 -26.30 -23.32 -21.39
CA TYR A 156 -27.07 -22.49 -20.45
C TYR A 156 -27.90 -21.40 -21.12
N GLY A 157 -28.03 -21.47 -22.45
CA GLY A 157 -28.91 -20.57 -23.17
C GLY A 157 -28.31 -20.00 -24.45
N ASN A 158 -29.17 -19.81 -25.44
CA ASN A 158 -28.79 -19.17 -26.69
C ASN A 158 -29.27 -17.73 -26.70
N VAL A 159 -28.36 -16.82 -27.03
CA VAL A 159 -28.65 -15.38 -26.92
C VAL A 159 -28.37 -14.67 -28.24
N GLU A 160 -28.86 -13.44 -28.37
CA GLU A 160 -28.62 -12.62 -29.55
C GLU A 160 -27.34 -11.81 -29.38
N GLU A 161 -26.82 -11.30 -30.50
CA GLU A 161 -25.64 -10.44 -30.49
C GLU A 161 -25.83 -9.23 -29.57
N TRP A 162 -24.73 -8.82 -28.93
CA TRP A 162 -24.71 -7.61 -28.11
C TRP A 162 -24.77 -6.38 -28.99
N SER A 163 -25.54 -5.39 -28.54
CA SER A 163 -25.72 -4.17 -29.31
C SER A 163 -24.88 -3.02 -28.76
N ILE A 164 -23.93 -2.55 -29.57
CA ILE A 164 -23.11 -1.40 -29.21
C ILE A 164 -23.96 -0.13 -29.07
N GLU A 165 -25.01 -0.03 -29.88
CA GLU A 165 -25.88 1.16 -29.83
C GLU A 165 -26.66 1.25 -28.51
N ILE A 166 -27.21 0.11 -28.07
CA ILE A 166 -27.91 0.05 -26.78
C ILE A 166 -26.91 0.24 -25.63
N ALA A 167 -25.70 -0.29 -25.80
CA ALA A 167 -24.64 -0.19 -24.80
C ALA A 167 -24.24 1.25 -24.47
N ALA A 168 -24.21 2.12 -25.49
CA ALA A 168 -23.81 3.53 -25.32
C ALA A 168 -24.86 4.38 -24.62
N LYS A 169 -26.13 4.01 -24.79
CA LYS A 169 -27.25 4.80 -24.26
C LYS A 169 -27.21 4.90 -22.74
N LEU A 170 -27.81 5.97 -22.22
CA LEU A 170 -27.96 6.13 -20.78
C LEU A 170 -28.73 4.97 -20.17
N GLN A 171 -28.37 4.57 -18.96
CA GLN A 171 -29.12 3.52 -18.25
C GLN A 171 -30.59 3.91 -18.03
N GLU A 172 -30.83 5.20 -17.78
CA GLU A 172 -32.18 5.74 -17.61
C GLU A 172 -33.01 5.66 -18.90
N GLN A 173 -32.35 5.39 -20.02
CA GLN A 173 -33.05 5.12 -21.28
C GLN A 173 -32.91 3.65 -21.72
N GLY A 174 -32.61 2.78 -20.76
CA GLY A 174 -32.53 1.34 -21.03
C GLY A 174 -31.20 0.87 -21.60
N GLY A 175 -30.22 1.78 -21.67
CA GLY A 175 -28.89 1.41 -22.14
C GLY A 175 -27.98 0.94 -21.03
N ASP A 176 -26.71 0.77 -21.34
CA ASP A 176 -25.75 0.29 -20.36
C ASP A 176 -24.76 1.36 -19.90
N GLU A 177 -24.80 2.52 -20.55
CA GLU A 177 -23.86 3.61 -20.30
C GLU A 177 -22.39 3.18 -20.39
N VAL A 178 -22.06 2.35 -21.38
CA VAL A 178 -20.64 2.11 -21.68
C VAL A 178 -20.03 3.47 -22.03
N PRO A 179 -18.96 3.89 -21.31
CA PRO A 179 -18.40 5.22 -21.48
C PRO A 179 -18.12 5.58 -22.93
N SER A 180 -18.53 6.79 -23.32
CA SER A 180 -18.45 7.24 -24.70
C SER A 180 -17.03 7.22 -25.25
N GLU A 181 -16.04 7.48 -24.39
CA GLU A 181 -14.65 7.54 -24.81
C GLU A 181 -14.00 6.19 -25.14
N ILE A 182 -14.71 5.07 -24.93
CA ILE A 182 -14.21 3.74 -25.34
C ILE A 182 -15.08 3.06 -26.40
N ILE A 183 -16.23 3.66 -26.71
CA ILE A 183 -17.16 3.11 -27.70
C ILE A 183 -16.45 2.79 -29.02
N ASP A 184 -15.66 3.73 -29.52
CA ASP A 184 -14.99 3.55 -30.81
C ASP A 184 -13.77 2.64 -30.73
N LYS A 185 -13.43 2.18 -29.52
CA LYS A 185 -12.25 1.34 -29.30
C LYS A 185 -12.60 -0.13 -29.09
N ILE A 186 -13.90 -0.44 -29.18
CA ILE A 186 -14.38 -1.81 -28.99
C ILE A 186 -14.39 -2.57 -30.31
N ILE A 187 -13.79 -3.76 -30.30
CA ILE A 187 -13.82 -4.66 -31.46
C ILE A 187 -14.57 -5.93 -31.05
N TYR A 188 -15.80 -6.06 -31.56
CA TYR A 188 -16.74 -7.07 -31.10
C TYR A 188 -16.74 -8.32 -31.97
N MET A 189 -16.63 -9.47 -31.33
CA MET A 189 -16.53 -10.76 -32.04
C MET A 189 -17.44 -11.81 -31.40
N PRO A 190 -18.63 -12.04 -31.99
CA PRO A 190 -19.54 -13.07 -31.50
C PRO A 190 -19.15 -14.45 -32.04
N PHE A 191 -19.49 -15.51 -31.31
CA PHE A 191 -19.17 -16.87 -31.73
C PHE A 191 -20.35 -17.80 -31.48
N ASP A 192 -20.57 -18.72 -32.42
CA ASP A 192 -21.63 -19.70 -32.36
C ASP A 192 -21.35 -20.86 -31.41
N ASN A 193 -20.08 -21.05 -31.07
CA ASN A 193 -19.68 -22.11 -30.14
C ASN A 193 -18.37 -21.80 -29.40
N GLU A 194 -18.23 -22.39 -28.21
CA GLU A 194 -17.12 -22.08 -27.31
C GLU A 194 -15.78 -22.50 -27.88
N LYS A 195 -15.75 -23.65 -28.57
CA LYS A 195 -14.51 -24.15 -29.15
C LYS A 195 -13.90 -23.16 -30.14
N GLU A 196 -14.74 -22.57 -31.00
CA GLU A 196 -14.24 -21.58 -31.94
C GLU A 196 -13.83 -20.25 -31.26
N LEU A 197 -14.61 -19.81 -30.26
CA LEU A 197 -14.21 -18.67 -29.42
C LEU A 197 -12.81 -18.87 -28.83
N LEU A 198 -12.62 -20.00 -28.16
CA LEU A 198 -11.35 -20.29 -27.50
C LEU A 198 -10.19 -20.45 -28.48
N MET A 199 -10.45 -21.05 -29.64
CA MET A 199 -9.40 -21.19 -30.66
C MET A 199 -9.00 -19.84 -31.23
N GLU A 200 -9.99 -18.98 -31.49
CA GLU A 200 -9.71 -17.64 -31.95
C GLU A 200 -8.96 -16.82 -30.89
N TYR A 201 -9.33 -16.99 -29.62
CA TYR A 201 -8.67 -16.24 -28.55
C TYR A 201 -7.19 -16.58 -28.47
N LEU A 202 -6.88 -17.88 -28.59
CA LEU A 202 -5.49 -18.34 -28.61
C LEU A 202 -4.69 -17.87 -29.83
N ASN A 203 -5.33 -17.85 -31.00
CA ASN A 203 -4.69 -17.29 -32.20
C ASN A 203 -4.38 -15.81 -32.01
N PHE A 204 -5.37 -15.08 -31.48
CA PHE A 204 -5.23 -13.68 -31.11
C PHE A 204 -4.09 -13.47 -30.10
N TRP A 205 -4.08 -14.30 -29.05
CA TRP A 205 -3.01 -14.31 -28.05
C TRP A 205 -1.63 -14.47 -28.67
N GLN A 206 -1.52 -15.33 -29.69
CA GLN A 206 -0.24 -15.54 -30.38
C GLN A 206 0.19 -14.29 -31.13
N GLN A 207 -0.80 -13.63 -31.75
CA GLN A 207 -0.55 -12.38 -32.46
C GLN A 207 -0.18 -11.25 -31.52
N LYS A 208 -0.82 -11.21 -30.35
CA LYS A 208 -0.66 -10.11 -29.41
C LYS A 208 -0.29 -10.62 -28.01
N THR A 209 0.88 -11.23 -27.89
CA THR A 209 1.28 -11.91 -26.66
C THR A 209 1.60 -10.91 -25.55
N PRO A 210 0.81 -10.92 -24.47
CA PRO A 210 1.05 -10.01 -23.35
C PRO A 210 2.49 -10.13 -22.83
N VAL A 211 3.07 -8.99 -22.50
CA VAL A 211 4.33 -8.94 -21.73
C VAL A 211 3.93 -8.80 -20.26
N ILE A 212 3.17 -7.75 -19.96
CA ILE A 212 2.56 -7.55 -18.66
C ILE A 212 1.10 -7.97 -18.77
N LEU A 213 0.67 -8.88 -17.90
CA LEU A 213 -0.72 -9.34 -17.90
C LEU A 213 -1.37 -8.95 -16.58
N THR A 214 -2.45 -8.16 -16.66
CA THR A 214 -3.09 -7.63 -15.46
C THR A 214 -4.63 -7.70 -15.57
N GLY A 215 -5.30 -7.12 -14.58
CA GLY A 215 -6.74 -7.22 -14.46
C GLY A 215 -7.08 -7.50 -13.02
N TRP A 216 -8.35 -7.73 -12.75
CA TRP A 216 -8.83 -7.88 -11.39
C TRP A 216 -9.00 -9.32 -11.02
N ASN A 217 -8.14 -9.82 -10.13
CA ASN A 217 -8.14 -11.23 -9.72
C ASN A 217 -7.77 -12.25 -10.82
N VAL A 218 -7.05 -11.77 -11.83
CA VAL A 218 -6.66 -12.63 -12.96
C VAL A 218 -5.81 -13.82 -12.52
N GLU A 219 -4.95 -13.61 -11.52
CA GLU A 219 -4.05 -14.68 -11.07
C GLU A 219 -4.80 -15.83 -10.38
N SER A 220 -5.86 -15.51 -9.64
CA SER A 220 -6.61 -16.54 -8.93
C SER A 220 -7.86 -17.05 -9.66
N PHE A 221 -8.34 -16.29 -10.64
CA PHE A 221 -9.52 -16.72 -11.38
C PHE A 221 -9.32 -16.83 -12.88
N ALA A 222 -9.17 -15.69 -13.56
CA ALA A 222 -9.22 -15.64 -15.02
C ALA A 222 -8.16 -16.52 -15.70
N ILE A 223 -6.90 -16.36 -15.29
CA ILE A 223 -5.80 -17.15 -15.86
C ILE A 223 -5.98 -18.67 -15.61
N PRO A 224 -6.09 -19.10 -14.34
CA PRO A 224 -6.25 -20.54 -14.17
C PRO A 224 -7.53 -21.10 -14.80
N TYR A 225 -8.59 -20.29 -14.89
CA TYR A 225 -9.82 -20.77 -15.51
C TYR A 225 -9.62 -21.01 -17.01
N VAL A 226 -9.07 -20.02 -17.70
CA VAL A 226 -8.85 -20.11 -19.14
C VAL A 226 -7.91 -21.27 -19.43
N TYR A 227 -6.81 -21.36 -18.67
CA TYR A 227 -5.83 -22.42 -18.86
C TYR A 227 -6.49 -23.78 -18.69
N ASN A 228 -7.20 -23.97 -17.58
CA ASN A 228 -7.85 -25.25 -17.32
C ASN A 228 -8.98 -25.59 -18.29
N ARG A 229 -9.77 -24.58 -18.67
CA ARG A 229 -10.86 -24.77 -19.63
C ARG A 229 -10.32 -25.25 -20.97
N ILE A 230 -9.30 -24.56 -21.48
CA ILE A 230 -8.63 -24.96 -22.72
C ILE A 230 -8.02 -26.36 -22.62
N LYS A 231 -7.40 -26.64 -21.47
CA LYS A 231 -6.84 -27.97 -21.20
C LYS A 231 -7.91 -29.04 -21.31
N ASN A 232 -9.06 -28.81 -20.68
CA ASN A 232 -10.17 -29.76 -20.69
C ASN A 232 -10.74 -30.05 -22.07
N ILE A 233 -10.85 -29.01 -22.89
CA ILE A 233 -11.44 -29.13 -24.23
C ILE A 233 -10.43 -29.64 -25.27
N PHE A 234 -9.25 -29.02 -25.32
CA PHE A 234 -8.27 -29.29 -26.38
C PHE A 234 -7.07 -30.13 -25.96
N GLY A 235 -6.80 -30.22 -24.66
CA GLY A 235 -5.61 -30.91 -24.18
C GLY A 235 -4.58 -29.93 -23.66
N GLU A 236 -3.70 -30.44 -22.81
CA GLU A 236 -2.72 -29.63 -22.08
C GLU A 236 -1.76 -28.82 -22.95
N SER A 237 -1.26 -29.41 -24.03
CA SER A 237 -0.29 -28.71 -24.87
C SER A 237 -0.91 -27.55 -25.67
N THR A 238 -2.21 -27.61 -25.93
CA THR A 238 -2.92 -26.46 -26.49
C THR A 238 -3.03 -25.35 -25.45
N ALA A 239 -3.29 -25.73 -24.19
CA ALA A 239 -3.34 -24.76 -23.09
C ALA A 239 -1.97 -24.09 -22.88
N LYS A 240 -0.90 -24.83 -23.13
CA LYS A 240 0.46 -24.30 -22.99
C LYS A 240 0.82 -23.21 -24.03
N ARG A 241 0.00 -23.09 -25.08
CA ARG A 241 0.14 -22.00 -26.05
C ARG A 241 -0.06 -20.62 -25.40
N LEU A 242 -0.59 -20.59 -24.17
CA LEU A 242 -0.69 -19.34 -23.42
C LEU A 242 0.69 -18.84 -22.96
N SER A 243 1.67 -19.75 -22.97
CA SER A 243 3.07 -19.39 -22.72
C SER A 243 3.80 -19.25 -24.04
N PRO A 244 4.49 -18.11 -24.26
CA PRO A 244 5.22 -17.90 -25.50
C PRO A 244 6.38 -18.90 -25.65
N HIS A 245 6.79 -19.54 -24.55
CA HIS A 245 7.81 -20.58 -24.60
C HIS A 245 7.22 -21.96 -24.42
N ARG A 246 5.88 -22.03 -24.37
CA ARG A 246 5.13 -23.29 -24.21
C ARG A 246 5.49 -24.04 -22.91
N LYS A 247 5.84 -23.29 -21.87
CA LYS A 247 6.12 -23.89 -20.58
C LYS A 247 5.28 -23.27 -19.49
N THR A 248 4.63 -24.11 -18.70
CA THR A 248 3.82 -23.66 -17.57
C THR A 248 4.15 -24.48 -16.32
N ARG A 249 3.79 -23.93 -15.16
CA ARG A 249 3.90 -24.61 -13.87
C ARG A 249 2.60 -24.45 -13.10
N VAL A 250 2.04 -25.56 -12.64
CA VAL A 250 0.76 -25.58 -11.92
C VAL A 250 0.98 -25.73 -10.42
N LYS A 251 0.41 -24.80 -9.64
CA LYS A 251 0.59 -24.77 -8.20
C LYS A 251 -0.73 -25.05 -7.48
N VAL A 252 -0.87 -26.27 -6.95
CA VAL A 252 -2.11 -26.68 -6.27
C VAL A 252 -2.04 -26.43 -4.77
N ILE A 253 -2.90 -25.55 -4.28
CA ILE A 253 -2.99 -25.24 -2.84
C ILE A 253 -4.20 -25.92 -2.20
N GLU A 254 -3.93 -26.77 -1.20
CA GLU A 254 -4.95 -27.53 -0.50
C GLU A 254 -5.54 -26.72 0.65
N ASN A 255 -6.87 -26.59 0.65
CA ASN A 255 -7.58 -25.81 1.66
C ASN A 255 -8.66 -26.61 2.39
N MET A 256 -8.56 -27.94 2.30
CA MET A 256 -9.50 -28.89 2.94
C MET A 256 -10.91 -28.89 2.34
N TYR A 257 -11.48 -27.70 2.15
CA TYR A 257 -12.81 -27.57 1.54
C TYR A 257 -12.79 -26.56 0.38
N GLY A 258 -11.64 -26.47 -0.30
CA GLY A 258 -11.47 -25.52 -1.39
C GLY A 258 -10.73 -26.12 -2.59
N SER A 259 -9.42 -26.27 -2.44
CA SER A 259 -8.53 -26.80 -3.49
C SER A 259 -8.53 -25.97 -4.78
N ARG A 260 -7.70 -24.94 -4.82
CA ARG A 260 -7.53 -24.08 -5.99
C ARG A 260 -6.06 -24.07 -6.46
N GLU A 261 -5.75 -23.31 -7.50
CA GLU A 261 -4.39 -23.30 -8.05
C GLU A 261 -3.99 -22.01 -8.78
N ILE A 262 -2.69 -21.71 -8.78
CA ILE A 262 -2.15 -20.67 -9.67
C ILE A 262 -1.23 -21.26 -10.76
N ILE A 263 -1.36 -20.72 -11.96
CA ILE A 263 -0.60 -21.18 -13.11
C ILE A 263 0.49 -20.16 -13.40
N THR A 264 1.73 -20.65 -13.44
CA THR A 264 2.83 -19.81 -13.88
C THR A 264 2.95 -19.95 -15.39
N LEU A 265 2.83 -18.84 -16.10
CA LEU A 265 3.02 -18.79 -17.54
C LEU A 265 4.40 -18.23 -17.83
N PHE A 266 5.32 -19.11 -18.24
CA PHE A 266 6.69 -18.69 -18.52
C PHE A 266 6.72 -17.75 -19.71
N GLY A 267 7.46 -16.64 -19.58
CA GLY A 267 7.59 -15.64 -20.64
C GLY A 267 6.53 -14.54 -20.57
N ILE A 268 5.68 -14.60 -19.55
CA ILE A 268 4.74 -13.51 -19.23
C ILE A 268 4.98 -13.05 -17.78
N SER A 269 4.85 -11.74 -17.54
CA SER A 269 4.92 -11.19 -16.19
C SER A 269 3.51 -10.80 -15.76
N VAL A 270 2.93 -11.62 -14.89
CA VAL A 270 1.59 -11.37 -14.38
C VAL A 270 1.65 -10.42 -13.19
N LEU A 271 1.00 -9.27 -13.33
CA LEU A 271 0.84 -8.31 -12.24
C LEU A 271 -0.66 -8.13 -11.98
N ASP A 272 -1.23 -9.03 -11.18
CA ASP A 272 -2.64 -8.97 -10.81
C ASP A 272 -2.92 -7.62 -10.15
N TYR A 273 -3.90 -6.88 -10.68
CA TYR A 273 -4.11 -5.52 -10.17
C TYR A 273 -4.52 -5.48 -8.70
N ILE A 274 -5.20 -6.52 -8.23
CA ILE A 274 -5.51 -6.64 -6.79
C ILE A 274 -4.22 -6.65 -5.94
N ASP A 275 -3.19 -7.37 -6.41
CA ASP A 275 -1.90 -7.47 -5.69
C ASP A 275 -1.12 -6.17 -5.75
N LEU A 276 -1.13 -5.53 -6.92
CA LEU A 276 -0.54 -4.19 -7.08
C LEU A 276 -1.19 -3.19 -6.13
N TYR A 277 -2.51 -3.21 -6.08
CA TYR A 277 -3.29 -2.30 -5.25
C TYR A 277 -2.93 -2.53 -3.78
N LYS A 278 -2.93 -3.78 -3.35
CA LYS A 278 -2.62 -4.10 -1.96
C LYS A 278 -1.21 -3.69 -1.55
N LYS A 279 -0.23 -3.88 -2.45
CA LYS A 279 1.16 -3.52 -2.14
C LYS A 279 1.43 -2.01 -2.18
N PHE A 280 0.86 -1.32 -3.17
CA PHE A 280 1.25 0.05 -3.47
C PHE A 280 0.29 1.17 -3.05
N SER A 281 -0.94 0.81 -2.65
CA SER A 281 -1.97 1.82 -2.37
C SER A 281 -1.95 2.38 -0.95
N PHE A 282 -1.37 1.64 -0.01
CA PHE A 282 -1.41 1.97 1.41
C PHE A 282 -2.82 2.28 1.94
N THR A 283 -3.74 1.39 1.58
CA THR A 283 -5.07 1.36 2.15
C THR A 283 -5.24 -0.01 2.77
N ASN A 284 -6.20 -0.13 3.68
CA ASN A 284 -6.70 -1.43 4.06
C ASN A 284 -8.21 -1.35 3.90
N GLN A 285 -8.74 -2.07 2.91
CA GLN A 285 -10.15 -1.96 2.53
C GLN A 285 -11.02 -3.04 3.17
N PRO A 286 -12.29 -2.73 3.45
CA PRO A 286 -13.16 -3.78 4.00
C PRO A 286 -13.58 -4.80 2.95
N SER A 287 -13.43 -4.44 1.69
CA SER A 287 -13.76 -5.32 0.58
C SER A 287 -12.83 -5.07 -0.59
N TYR A 288 -12.54 -6.11 -1.34
CA TYR A 288 -11.72 -5.99 -2.55
C TYR A 288 -12.46 -6.37 -3.82
N SER A 289 -13.79 -6.22 -3.82
CA SER A 289 -14.54 -6.33 -5.07
C SER A 289 -14.22 -5.12 -5.93
N LEU A 290 -14.24 -5.32 -7.25
CA LEU A 290 -13.98 -4.22 -8.18
C LEU A 290 -14.99 -3.08 -8.02
N ASP A 291 -16.25 -3.41 -7.76
CA ASP A 291 -17.29 -2.41 -7.46
C ASP A 291 -16.89 -1.49 -6.33
N TYR A 292 -16.45 -2.08 -5.22
CA TYR A 292 -16.08 -1.32 -4.03
C TYR A 292 -14.84 -0.46 -4.28
N ILE A 293 -13.82 -1.05 -4.88
CA ILE A 293 -12.59 -0.32 -5.11
C ILE A 293 -12.81 0.81 -6.13
N SER A 294 -13.59 0.54 -7.17
CA SER A 294 -13.90 1.56 -8.18
C SER A 294 -14.68 2.72 -7.59
N GLU A 295 -15.64 2.41 -6.73
CA GLU A 295 -16.37 3.43 -6.00
C GLU A 295 -15.43 4.25 -5.12
N PHE A 296 -14.54 3.59 -4.40
CA PHE A 296 -13.56 4.28 -3.55
C PHE A 296 -12.60 5.18 -4.35
N GLU A 297 -12.09 4.67 -5.46
CA GLU A 297 -11.03 5.36 -6.20
C GLU A 297 -11.56 6.41 -7.18
N LEU A 298 -12.74 6.13 -7.75
CA LEU A 298 -13.23 6.89 -8.90
C LEU A 298 -14.56 7.60 -8.65
N ASN A 299 -15.19 7.28 -7.53
CA ASN A 299 -16.50 7.83 -7.19
CA ASN A 299 -16.51 7.82 -7.18
C ASN A 299 -17.56 7.49 -8.26
N VAL A 300 -17.43 6.30 -8.84
CA VAL A 300 -18.43 5.80 -9.78
C VAL A 300 -19.37 4.84 -9.06
N GLY A 301 -20.61 4.77 -9.52
CA GLY A 301 -21.62 3.92 -8.89
C GLY A 301 -21.45 2.46 -9.23
N LYS A 302 -21.99 1.60 -8.37
CA LYS A 302 -21.98 0.15 -8.57
C LYS A 302 -22.62 -0.23 -9.92
N LEU A 303 -22.12 -1.31 -10.53
CA LEU A 303 -22.71 -1.85 -11.75
C LEU A 303 -23.97 -2.65 -11.41
N LYS A 304 -25.13 -2.00 -11.58
CA LYS A 304 -26.40 -2.57 -11.14
C LYS A 304 -27.05 -3.51 -12.17
N TYR A 305 -27.60 -4.62 -11.67
CA TYR A 305 -28.38 -5.54 -12.49
C TYR A 305 -29.38 -6.32 -11.64
N ASP A 306 -30.44 -6.81 -12.27
CA ASP A 306 -31.48 -7.54 -11.57
C ASP A 306 -31.21 -9.05 -11.55
N GLY A 307 -31.41 -9.66 -10.38
CA GLY A 307 -31.25 -11.10 -10.22
C GLY A 307 -29.81 -11.55 -10.03
N PRO A 308 -29.61 -12.88 -9.85
CA PRO A 308 -28.26 -13.41 -9.60
C PRO A 308 -27.40 -13.39 -10.85
N ILE A 309 -26.08 -13.34 -10.65
CA ILE A 309 -25.13 -13.29 -11.77
C ILE A 309 -25.22 -14.56 -12.63
N SER A 310 -25.66 -15.67 -12.04
CA SER A 310 -25.81 -16.95 -12.73
C SER A 310 -26.97 -16.95 -13.73
N LYS A 311 -27.85 -15.95 -13.60
CA LYS A 311 -28.99 -15.80 -14.51
C LYS A 311 -28.91 -14.53 -15.37
N LEU A 312 -27.83 -13.77 -15.22
CA LEU A 312 -27.71 -12.48 -15.92
C LEU A 312 -27.55 -12.63 -17.44
N ARG A 313 -26.77 -13.62 -17.87
CA ARG A 313 -26.56 -13.85 -19.30
C ARG A 313 -27.86 -14.23 -20.02
N GLU A 314 -28.62 -15.17 -19.44
CA GLU A 314 -29.88 -15.60 -20.06
C GLU A 314 -30.96 -14.51 -20.02
N SER A 315 -31.05 -13.78 -18.92
CA SER A 315 -32.09 -12.75 -18.78
C SER A 315 -31.71 -11.41 -19.43
N ASN A 316 -30.43 -11.04 -19.36
CA ASN A 316 -29.98 -9.75 -19.91
C ASN A 316 -28.56 -9.80 -20.45
N HIS A 317 -28.40 -10.56 -21.54
CA HIS A 317 -27.12 -10.73 -22.21
C HIS A 317 -26.52 -9.42 -22.63
N GLN A 318 -27.35 -8.49 -23.09
CA GLN A 318 -26.90 -7.15 -23.44
C GLN A 318 -26.09 -6.52 -22.31
N ARG A 319 -26.67 -6.52 -21.11
CA ARG A 319 -26.04 -5.91 -19.95
C ARG A 319 -24.81 -6.72 -19.51
N TYR A 320 -24.94 -8.04 -19.57
CA TYR A 320 -23.87 -8.98 -19.24
C TYR A 320 -22.56 -8.64 -19.95
N ILE A 321 -22.64 -8.42 -21.26
CA ILE A 321 -21.47 -8.09 -22.07
C ILE A 321 -20.94 -6.67 -21.77
N SER A 322 -21.85 -5.71 -21.69
CA SER A 322 -21.47 -4.33 -21.35
C SER A 322 -20.71 -4.25 -20.03
N TYR A 323 -21.17 -5.02 -19.05
CA TYR A 323 -20.56 -5.00 -17.72
C TYR A 323 -19.20 -5.69 -17.70
N ASN A 324 -19.04 -6.72 -18.53
CA ASN A 324 -17.72 -7.34 -18.75
C ASN A 324 -16.73 -6.32 -19.31
N ILE A 325 -17.19 -5.53 -20.28
CA ILE A 325 -16.37 -4.49 -20.90
C ILE A 325 -16.02 -3.37 -19.91
N ILE A 326 -17.01 -2.90 -19.17
CA ILE A 326 -16.82 -1.81 -18.22
C ILE A 326 -15.86 -2.21 -17.10
N ALA A 327 -15.99 -3.44 -16.61
CA ALA A 327 -15.11 -3.97 -15.58
C ALA A 327 -13.64 -3.90 -15.99
N VAL A 328 -13.35 -4.19 -17.25
CA VAL A 328 -11.99 -4.11 -17.76
C VAL A 328 -11.54 -2.65 -17.79
N TYR A 329 -12.42 -1.76 -18.27
CA TYR A 329 -12.11 -0.33 -18.32
C TYR A 329 -11.86 0.27 -16.93
N ARG A 330 -12.64 -0.15 -15.94
CA ARG A 330 -12.47 0.34 -14.57
C ARG A 330 -11.06 0.15 -14.00
N VAL A 331 -10.45 -1.01 -14.26
CA VAL A 331 -9.04 -1.24 -13.86
C VAL A 331 -8.10 -0.25 -14.55
N LEU A 332 -8.31 -0.02 -15.84
CA LEU A 332 -7.55 0.99 -16.57
C LEU A 332 -7.75 2.39 -16.01
N GLN A 333 -8.97 2.70 -15.58
CA GLN A 333 -9.25 3.99 -14.94
C GLN A 333 -8.54 4.12 -13.58
N ILE A 334 -8.58 3.05 -12.79
CA ILE A 334 -7.86 3.04 -11.52
C ILE A 334 -6.35 3.24 -11.74
N ASP A 335 -5.79 2.55 -12.74
CA ASP A 335 -4.35 2.69 -13.03
C ASP A 335 -3.95 4.05 -13.60
N ALA A 336 -4.83 4.68 -14.38
CA ALA A 336 -4.58 6.03 -14.88
C ALA A 336 -4.48 7.02 -13.72
N LYS A 337 -5.20 6.74 -12.63
CA LYS A 337 -5.12 7.53 -11.41
C LYS A 337 -3.88 7.16 -10.57
N ARG A 338 -3.77 5.88 -10.22
CA ARG A 338 -2.76 5.42 -9.24
C ARG A 338 -1.38 5.20 -9.84
N GLN A 339 -1.34 4.77 -11.11
CA GLN A 339 -0.10 4.63 -11.86
C GLN A 339 0.83 3.54 -11.31
N PHE A 340 0.22 2.42 -10.89
CA PHE A 340 0.96 1.30 -10.32
C PHE A 340 1.74 0.51 -11.37
N ILE A 341 1.22 0.40 -12.59
CA ILE A 341 1.94 -0.26 -13.68
C ILE A 341 3.21 0.55 -14.01
N ASN A 342 3.07 1.86 -14.15
CA ASN A 342 4.21 2.75 -14.34
C ASN A 342 5.29 2.52 -13.28
N LEU A 343 4.85 2.49 -12.01
CA LEU A 343 5.75 2.28 -10.88
C LEU A 343 6.49 0.96 -10.98
N SER A 344 5.75 -0.10 -11.32
CA SER A 344 6.31 -1.46 -11.39
C SER A 344 7.39 -1.53 -12.46
N LEU A 345 7.09 -0.96 -13.63
CA LEU A 345 8.09 -0.89 -14.72
C LEU A 345 9.33 -0.10 -14.30
N ASP A 346 9.13 1.09 -13.71
CA ASP A 346 10.25 1.90 -13.19
C ASP A 346 11.14 1.09 -12.26
N MET A 347 10.54 0.45 -11.26
CA MET A 347 11.29 -0.28 -10.23
C MET A 347 11.97 -1.51 -10.78
N GLY A 348 11.26 -2.26 -11.62
CA GLY A 348 11.80 -3.49 -12.22
C GLY A 348 13.02 -3.26 -13.09
N TYR A 349 12.94 -2.27 -13.99
CA TYR A 349 14.06 -1.92 -14.87
C TYR A 349 15.23 -1.29 -14.11
N TYR A 350 14.93 -0.50 -13.09
CA TYR A 350 15.95 0.04 -12.20
C TYR A 350 16.76 -1.07 -11.53
N ALA A 351 16.07 -2.08 -11.00
CA ALA A 351 16.71 -3.18 -10.29
C ALA A 351 17.34 -4.22 -11.23
N LYS A 352 16.85 -4.27 -12.47
CA LYS A 352 17.19 -5.34 -13.45
C LYS A 352 16.68 -6.71 -13.01
N ILE A 353 15.37 -6.77 -12.76
CA ILE A 353 14.69 -7.99 -12.31
C ILE A 353 13.52 -8.30 -13.23
N GLN A 354 12.97 -9.50 -13.11
CA GLN A 354 11.68 -9.78 -13.73
C GLN A 354 10.71 -8.76 -13.15
N ILE A 355 9.83 -8.21 -13.98
CA ILE A 355 8.94 -7.16 -13.49
C ILE A 355 8.08 -7.62 -12.31
N GLN A 356 7.62 -8.88 -12.32
CA GLN A 356 6.78 -9.38 -11.21
C GLN A 356 7.52 -9.43 -9.86
N SER A 357 8.85 -9.38 -9.90
CA SER A 357 9.67 -9.38 -8.67
C SER A 357 9.64 -8.08 -7.86
N VAL A 358 8.96 -7.06 -8.39
CA VAL A 358 8.74 -5.82 -7.63
C VAL A 358 7.96 -6.09 -6.34
N PHE A 359 7.21 -7.19 -6.31
CA PHE A 359 6.47 -7.59 -5.10
C PHE A 359 7.42 -7.99 -3.96
N SER A 360 8.68 -8.28 -4.30
CA SER A 360 9.66 -8.78 -3.34
C SER A 360 10.80 -7.79 -3.07
N PRO A 361 10.76 -7.08 -1.91
CA PRO A 361 11.84 -6.15 -1.56
C PRO A 361 13.21 -6.85 -1.49
N ILE A 362 13.21 -8.11 -1.02
CA ILE A 362 14.45 -8.88 -0.96
C ILE A 362 15.08 -9.14 -2.34
N LYS A 363 14.27 -9.60 -3.29
CA LYS A 363 14.74 -9.85 -4.66
C LYS A 363 15.21 -8.54 -5.32
N THR A 364 14.44 -7.47 -5.12
CA THR A 364 14.74 -6.16 -5.66
C THR A 364 16.10 -5.66 -5.18
N TRP A 365 16.30 -5.65 -3.86
CA TRP A 365 17.57 -5.21 -3.28
C TRP A 365 18.75 -6.09 -3.58
N ASP A 366 18.52 -7.41 -3.62
CA ASP A 366 19.58 -8.34 -3.98
C ASP A 366 20.14 -7.99 -5.37
N ALA A 367 19.24 -7.75 -6.31
CA ALA A 367 19.63 -7.37 -7.67
C ALA A 367 20.33 -6.02 -7.74
N ILE A 368 19.78 -5.01 -7.08
CA ILE A 368 20.38 -3.66 -7.04
C ILE A 368 21.82 -3.73 -6.50
N ILE A 369 21.98 -4.41 -5.37
CA ILE A 369 23.28 -4.53 -4.70
C ILE A 369 24.26 -5.39 -5.52
N PHE A 370 23.76 -6.49 -6.09
CA PHE A 370 24.57 -7.33 -7.00
C PHE A 370 25.12 -6.52 -8.17
N ASN A 371 24.23 -5.80 -8.85
CA ASN A 371 24.64 -4.97 -9.99
C ASN A 371 25.64 -3.87 -9.63
N SER A 372 25.45 -3.26 -8.46
CA SER A 372 26.36 -2.25 -7.93
C SER A 372 27.74 -2.83 -7.68
N LEU A 373 27.80 -3.99 -7.02
CA LEU A 373 29.07 -4.61 -6.67
C LEU A 373 29.76 -5.17 -7.91
N LYS A 374 28.97 -5.68 -8.85
CA LYS A 374 29.52 -6.22 -10.10
C LYS A 374 30.27 -5.17 -10.92
N GLU A 375 29.76 -3.94 -10.91
CA GLU A 375 30.41 -2.80 -11.58
C GLU A 375 31.83 -2.56 -11.08
N GLN A 376 32.07 -2.82 -9.81
CA GLN A 376 33.38 -2.66 -9.20
C GLN A 376 34.21 -3.96 -9.25
N ASN A 377 33.74 -4.95 -10.00
CA ASN A 377 34.35 -6.30 -10.04
C ASN A 377 34.37 -6.99 -8.68
N LYS A 378 33.39 -6.68 -7.84
CA LYS A 378 33.30 -7.32 -6.54
C LYS A 378 32.39 -8.54 -6.64
N VAL A 379 32.60 -9.49 -5.73
CA VAL A 379 31.88 -10.76 -5.75
C VAL A 379 30.96 -10.85 -4.53
N ILE A 380 29.68 -11.15 -4.75
CA ILE A 380 28.70 -11.21 -3.65
C ILE A 380 28.83 -12.48 -2.79
N PRO A 381 28.50 -12.39 -1.50
CA PRO A 381 28.60 -13.58 -0.64
C PRO A 381 27.53 -14.61 -0.94
N GLN A 382 27.79 -15.86 -0.57
CA GLN A 382 26.76 -16.89 -0.67
C GLN A 382 25.68 -16.64 0.38
N GLY A 383 24.43 -16.86 -0.01
CA GLY A 383 23.32 -16.82 0.95
C GLY A 383 23.46 -17.95 1.96
N ARG A 384 23.20 -17.64 3.23
CA ARG A 384 23.34 -18.63 4.30
C ARG A 384 22.04 -18.85 5.05
N SER A 385 21.98 -19.96 5.78
CA SER A 385 20.83 -20.29 6.61
C SER A 385 20.93 -19.57 7.96
N HIS A 386 19.82 -19.04 8.45
CA HIS A 386 19.81 -18.38 9.77
C HIS A 386 18.56 -18.72 10.52
N PRO A 387 18.69 -19.02 11.82
CA PRO A 387 17.50 -19.24 12.63
C PRO A 387 16.75 -17.91 12.83
N VAL A 388 15.42 -17.96 12.77
CA VAL A 388 14.59 -16.77 13.03
C VAL A 388 14.84 -16.31 14.46
N GLN A 389 15.07 -15.01 14.64
CA GLN A 389 15.36 -14.43 15.94
C GLN A 389 14.71 -13.05 16.07
N PRO A 390 13.84 -12.88 17.08
CA PRO A 390 13.25 -11.55 17.33
C PRO A 390 14.34 -10.53 17.70
N TYR A 391 14.11 -9.27 17.35
CA TYR A 391 15.04 -8.20 17.71
C TYR A 391 14.30 -6.91 18.01
N PRO A 392 14.93 -5.99 18.77
CA PRO A 392 14.19 -4.79 19.17
C PRO A 392 14.07 -3.75 18.07
N GLY A 393 12.95 -3.02 18.08
CA GLY A 393 12.64 -2.00 17.09
C GLY A 393 12.65 -0.60 17.67
N ALA A 394 11.60 0.16 17.37
CA ALA A 394 11.56 1.59 17.71
C ALA A 394 11.08 1.86 19.13
N PHE A 395 11.28 3.09 19.60
CA PHE A 395 10.77 3.57 20.89
C PHE A 395 9.46 4.32 20.73
N VAL A 396 8.52 4.04 21.62
CA VAL A 396 7.24 4.74 21.67
C VAL A 396 7.04 5.24 23.11
N LYS A 397 6.88 6.55 23.26
CA LYS A 397 6.69 7.15 24.59
C LYS A 397 5.26 6.90 25.07
N GLU A 398 5.10 6.66 26.37
CA GLU A 398 3.77 6.54 26.96
C GLU A 398 3.22 7.94 27.21
N PRO A 399 2.13 8.30 26.53
CA PRO A 399 1.59 9.64 26.76
C PRO A 399 0.69 9.65 27.99
N ILE A 400 0.54 10.81 28.63
CA ILE A 400 -0.50 10.97 29.65
C ILE A 400 -1.82 11.19 28.92
N PRO A 401 -2.80 10.29 29.12
CA PRO A 401 -4.08 10.44 28.43
C PRO A 401 -4.76 11.75 28.84
N ASN A 402 -5.07 12.59 27.87
CA ASN A 402 -5.62 13.91 28.16
C ASN A 402 -6.07 14.62 26.89
N ARG A 403 -6.75 15.75 27.07
CA ARG A 403 -6.90 16.73 26.00
C ARG A 403 -5.59 17.53 25.90
N TYR A 404 -5.22 17.92 24.69
CA TYR A 404 -4.04 18.76 24.46
C TYR A 404 -4.40 19.89 23.52
N LYS A 405 -4.38 21.13 24.03
CA LYS A 405 -4.99 22.26 23.32
C LYS A 405 -4.17 22.70 22.11
N TYR A 406 -2.93 23.11 22.35
CA TYR A 406 -2.03 23.54 21.29
C TYR A 406 -0.89 22.54 21.15
N VAL A 407 -0.71 22.02 19.93
CA VAL A 407 0.30 21.01 19.68
C VAL A 407 1.06 21.33 18.38
N MET A 408 2.37 21.18 18.46
CA MET A 408 3.23 21.19 17.28
C MET A 408 4.05 19.92 17.24
N SER A 409 4.07 19.27 16.09
CA SER A 409 4.83 18.03 15.93
C SER A 409 6.06 18.24 15.06
N PHE A 410 7.05 17.38 15.26
CA PHE A 410 8.33 17.44 14.54
C PHE A 410 8.72 16.02 14.17
N ASP A 411 9.33 15.87 13.01
CA ASP A 411 9.53 14.57 12.44
C ASP A 411 10.87 14.48 11.73
N LEU A 412 11.57 13.36 11.92
CA LEU A 412 12.85 13.15 11.25
C LEU A 412 12.63 12.67 9.81
N THR A 413 13.32 13.29 8.86
CA THR A 413 13.24 12.89 7.46
C THR A 413 13.78 11.47 7.23
N SER A 414 12.97 10.62 6.61
CA SER A 414 13.42 9.29 6.16
C SER A 414 14.36 8.65 7.18
N LEU A 415 13.86 8.35 8.37
CA LEU A 415 14.76 8.06 9.49
C LEU A 415 15.74 6.90 9.31
N TYR A 416 15.25 5.69 9.03
CA TYR A 416 16.13 4.53 8.98
C TYR A 416 17.18 4.61 7.86
N PRO A 417 16.77 5.02 6.64
CA PRO A 417 17.75 5.24 5.58
C PRO A 417 18.77 6.34 5.94
N SER A 418 18.32 7.38 6.64
CA SER A 418 19.21 8.46 7.08
C SER A 418 20.21 7.97 8.13
N ILE A 419 19.74 7.08 9.01
CA ILE A 419 20.63 6.45 10.00
C ILE A 419 21.70 5.59 9.32
N ILE A 420 21.26 4.77 8.36
CA ILE A 420 22.17 3.97 7.53
C ILE A 420 23.28 4.85 6.92
N ARG A 421 22.90 5.99 6.35
CA ARG A 421 23.85 6.87 5.66
C ARG A 421 24.72 7.63 6.65
N GLN A 422 24.12 8.09 7.75
CA GLN A 422 24.83 8.84 8.79
C GLN A 422 25.90 7.99 9.46
N VAL A 423 25.53 6.77 9.86
CA VAL A 423 26.42 5.89 10.60
C VAL A 423 27.34 5.10 9.65
N ASN A 424 26.89 4.93 8.40
CA ASN A 424 27.61 4.17 7.36
C ASN A 424 27.50 2.66 7.53
N ILE A 425 26.26 2.21 7.70
CA ILE A 425 25.93 0.82 8.01
C ILE A 425 25.81 -0.01 6.74
N SER A 426 26.68 -1.02 6.63
CA SER A 426 26.78 -1.89 5.46
C SER A 426 27.47 -3.17 5.91
N PRO A 427 27.27 -4.30 5.18
CA PRO A 427 27.98 -5.52 5.56
C PRO A 427 29.51 -5.36 5.51
N GLU A 428 30.01 -4.59 4.55
CA GLU A 428 31.46 -4.46 4.37
C GLU A 428 32.10 -3.28 5.10
N THR A 429 31.31 -2.45 5.79
CA THR A 429 31.89 -1.31 6.51
C THR A 429 32.06 -1.51 8.02
N ILE A 430 31.81 -2.73 8.49
CA ILE A 430 31.97 -3.05 9.91
C ILE A 430 33.45 -2.96 10.34
N ALA A 431 33.73 -2.13 11.35
CA ALA A 431 35.10 -1.93 11.81
C ALA A 431 35.42 -2.66 13.11
N GLY A 432 34.39 -2.99 13.88
CA GLY A 432 34.56 -3.66 15.16
C GLY A 432 33.43 -3.35 16.11
N THR A 433 33.68 -3.52 17.41
CA THR A 433 32.69 -3.26 18.44
C THR A 433 33.28 -2.42 19.56
N PHE A 434 32.41 -1.81 20.37
CA PHE A 434 32.82 -1.17 21.62
C PHE A 434 31.94 -1.69 22.74
N LYS A 435 32.33 -1.45 23.98
CA LYS A 435 31.60 -1.92 25.14
C LYS A 435 30.42 -1.00 25.44
N VAL A 436 29.21 -1.55 25.38
CA VAL A 436 27.99 -0.73 25.51
C VAL A 436 27.66 -0.33 26.95
N ALA A 437 27.16 0.89 27.09
CA ALA A 437 26.55 1.34 28.33
C ALA A 437 25.03 1.21 28.16
N PRO A 438 24.26 1.27 29.26
CA PRO A 438 22.81 1.33 29.12
C PRO A 438 22.39 2.48 28.21
N LEU A 439 21.34 2.27 27.41
CA LEU A 439 20.89 3.27 26.43
C LEU A 439 20.65 4.65 27.03
N HIS A 440 20.07 4.69 28.23
CA HIS A 440 19.79 5.97 28.88
C HIS A 440 21.02 6.80 29.16
N ASP A 441 22.16 6.14 29.29
CA ASP A 441 23.44 6.83 29.48
C ASP A 441 23.90 7.56 28.22
N TYR A 442 23.58 7.03 27.04
CA TYR A 442 23.83 7.73 25.79
C TYR A 442 22.82 8.87 25.60
N ILE A 443 21.56 8.57 25.85
CA ILE A 443 20.48 9.57 25.78
C ILE A 443 20.80 10.82 26.60
N ASN A 444 21.36 10.61 27.79
CA ASN A 444 21.67 11.70 28.71
C ASN A 444 23.10 12.21 28.61
N ALA A 445 23.86 11.67 27.66
CA ALA A 445 25.22 12.11 27.36
C ALA A 445 26.20 11.93 28.52
N VAL A 446 26.03 10.85 29.28
CA VAL A 446 26.92 10.55 30.41
C VAL A 446 27.85 9.37 30.16
N ALA A 447 27.47 8.49 29.23
CA ALA A 447 28.32 7.35 28.86
C ALA A 447 29.55 7.82 28.10
N GLU A 448 30.65 7.09 28.26
CA GLU A 448 31.89 7.39 27.55
C GLU A 448 31.65 7.45 26.03
N ARG A 449 32.27 8.40 25.36
CA ARG A 449 32.25 8.44 23.90
C ARG A 449 32.73 7.08 23.38
N PRO A 450 31.91 6.40 22.55
CA PRO A 450 32.24 5.08 22.04
C PRO A 450 33.58 5.00 21.31
N SER A 451 33.82 5.93 20.39
CA SER A 451 35.06 5.92 19.59
C SER A 451 35.42 7.31 19.11
N ASP A 452 36.72 7.60 19.04
CA ASP A 452 37.19 8.84 18.42
C ASP A 452 37.79 8.56 17.05
N VAL A 453 37.60 7.33 16.57
CA VAL A 453 38.14 6.89 15.28
C VAL A 453 37.05 6.41 14.33
N TYR A 454 36.10 5.62 14.86
CA TYR A 454 35.03 5.01 14.05
C TYR A 454 33.65 5.62 14.29
N SER A 455 32.74 5.37 13.34
CA SER A 455 31.36 5.85 13.40
C SER A 455 30.48 4.81 14.10
N CYS A 456 29.73 5.26 15.10
CA CYS A 456 29.13 4.33 16.06
C CYS A 456 27.60 4.37 16.20
N SER A 457 27.05 3.22 16.60
CA SER A 457 25.68 3.12 17.05
C SER A 457 25.67 2.63 18.49
N PRO A 458 24.72 3.14 19.32
CA PRO A 458 24.62 2.70 20.72
C PRO A 458 24.33 1.21 20.95
N ASN A 459 24.20 0.42 19.88
CA ASN A 459 24.11 -1.04 20.03
C ASN A 459 25.47 -1.72 20.18
N GLY A 460 26.55 -0.94 20.09
CA GLY A 460 27.89 -1.48 20.26
C GLY A 460 28.70 -1.63 18.98
N MET A 461 28.11 -1.28 17.84
CA MET A 461 28.79 -1.45 16.55
C MET A 461 29.61 -0.24 16.10
N MET A 462 30.75 -0.52 15.47
CA MET A 462 31.59 0.54 14.89
C MET A 462 31.74 0.32 13.37
N TYR A 463 31.74 1.42 12.63
CA TYR A 463 31.84 1.38 11.17
C TYR A 463 32.92 2.33 10.67
N TYR A 464 33.57 1.97 9.55
CA TYR A 464 34.55 2.86 8.92
C TYR A 464 33.88 4.14 8.43
N LYS A 465 34.61 5.25 8.54
CA LYS A 465 34.09 6.57 8.19
C LYS A 465 34.56 6.97 6.80
N ASP A 466 35.70 6.42 6.40
CA ASP A 466 36.45 6.91 5.25
C ASP A 466 36.29 6.04 4.00
N ARG A 467 35.34 5.11 4.04
CA ARG A 467 35.05 4.29 2.87
C ARG A 467 33.55 4.14 2.64
N ASP A 468 33.19 3.92 1.39
CA ASP A 468 31.79 3.77 1.01
C ASP A 468 31.28 2.36 1.23
N GLY A 469 30.03 2.26 1.64
CA GLY A 469 29.35 0.98 1.74
C GLY A 469 28.31 0.91 0.65
N VAL A 470 28.13 -0.28 0.09
CA VAL A 470 27.17 -0.51 -0.98
C VAL A 470 25.73 -0.22 -0.52
N VAL A 471 25.42 -0.56 0.75
CA VAL A 471 24.08 -0.28 1.27
C VAL A 471 23.81 1.25 1.34
N PRO A 472 24.66 2.02 2.04
CA PRO A 472 24.49 3.48 2.00
C PRO A 472 24.49 4.08 0.57
N THR A 473 25.36 3.58 -0.30
CA THR A 473 25.48 4.12 -1.66
C THR A 473 24.18 3.93 -2.43
N GLU A 474 23.65 2.72 -2.41
CA GLU A 474 22.46 2.41 -3.21
C GLU A 474 21.17 2.93 -2.57
N ILE A 475 21.11 2.95 -1.24
CA ILE A 475 19.95 3.51 -0.56
C ILE A 475 19.82 5.01 -0.80
N THR A 476 20.96 5.71 -0.87
CA THR A 476 21.00 7.14 -1.20
C THR A 476 20.42 7.45 -2.60
N LYS A 477 20.75 6.64 -3.60
CA LYS A 477 20.21 6.82 -4.96
C LYS A 477 18.68 6.83 -4.95
N VAL A 478 18.07 5.84 -4.31
CA VAL A 478 16.62 5.75 -4.27
C VAL A 478 16.01 6.84 -3.40
N PHE A 479 16.65 7.14 -2.27
CA PHE A 479 16.24 8.25 -1.41
C PHE A 479 16.17 9.58 -2.19
N ASN A 480 17.20 9.88 -2.99
CA ASN A 480 17.20 11.10 -3.79
C ASN A 480 16.05 11.13 -4.81
N GLN A 481 15.78 9.99 -5.45
CA GLN A 481 14.62 9.84 -6.34
C GLN A 481 13.32 10.14 -5.62
N ARG A 482 13.18 9.56 -4.44
CA ARG A 482 12.00 9.71 -3.59
C ARG A 482 11.76 11.19 -3.27
N LYS A 483 12.83 11.88 -2.89
CA LYS A 483 12.78 13.30 -2.51
C LYS A 483 12.19 14.18 -3.60
N GLU A 484 12.61 13.96 -4.84
CA GLU A 484 12.10 14.68 -6.00
C GLU A 484 10.57 14.56 -6.12
N HIS A 485 10.06 13.33 -6.04
CA HIS A 485 8.62 13.08 -6.21
C HIS A 485 7.80 13.61 -5.07
N LYS A 486 8.31 13.51 -3.84
CA LYS A 486 7.60 14.06 -2.69
C LYS A 486 7.45 15.58 -2.84
N GLY A 487 8.50 16.22 -3.34
CA GLY A 487 8.45 17.64 -3.70
C GLY A 487 7.33 17.98 -4.67
N TYR A 488 7.20 17.18 -5.73
CA TYR A 488 6.08 17.33 -6.69
C TYR A 488 4.73 17.16 -6.01
N MET A 489 4.63 16.18 -5.12
CA MET A 489 3.39 15.86 -4.43
C MET A 489 2.96 17.01 -3.51
N LEU A 490 3.90 17.52 -2.72
CA LEU A 490 3.62 18.63 -1.80
C LEU A 490 3.26 19.92 -2.53
N ALA A 491 3.99 20.23 -3.62
CA ALA A 491 3.65 21.39 -4.42
C ALA A 491 2.22 21.29 -4.96
N ALA A 492 1.84 20.11 -5.46
CA ALA A 492 0.48 19.88 -5.96
C ALA A 492 -0.58 20.02 -4.86
N GLN A 493 -0.23 19.57 -3.66
CA GLN A 493 -1.07 19.70 -2.48
C GLN A 493 -1.30 21.18 -2.12
N ARG A 494 -0.22 21.96 -2.07
CA ARG A 494 -0.28 23.41 -1.82
C ARG A 494 -1.09 24.12 -2.89
N ASN A 495 -0.85 23.76 -4.16
CA ASN A 495 -1.60 24.30 -5.29
C ASN A 495 -3.10 24.03 -5.17
N GLY A 496 -3.43 22.82 -4.71
CA GLY A 496 -4.81 22.45 -4.41
C GLY A 496 -5.51 23.38 -3.44
N GLU A 497 -4.81 23.73 -2.34
CA GLU A 497 -5.38 24.63 -1.34
C GLU A 497 -5.60 26.03 -1.89
N ILE A 498 -4.69 26.49 -2.76
CA ILE A 498 -4.86 27.78 -3.46
C ILE A 498 -6.17 27.80 -4.25
N ILE A 499 -6.44 26.70 -4.95
CA ILE A 499 -7.67 26.55 -5.74
C ILE A 499 -8.92 26.46 -4.87
N LYS A 500 -8.80 25.74 -3.74
CA LYS A 500 -9.91 25.67 -2.76
C LYS A 500 -10.22 27.04 -2.15
N GLU A 501 -9.19 27.83 -1.86
CA GLU A 501 -9.38 29.21 -1.39
C GLU A 501 -10.15 30.06 -2.39
N ALA A 502 -9.78 29.92 -3.66
CA ALA A 502 -10.37 30.70 -4.76
C ALA A 502 -11.80 30.28 -5.09
N LEU A 503 -12.15 29.03 -4.78
CA LEU A 503 -13.51 28.53 -5.00
C LEU A 503 -14.54 29.20 -4.08
N HIS A 504 -14.07 29.98 -3.12
CA HIS A 504 -14.95 30.73 -2.23
C HIS A 504 -15.59 31.90 -2.91
N ASN A 505 -14.91 32.44 -3.92
CA ASN A 505 -15.44 33.55 -4.70
C ASN A 505 -15.25 33.34 -6.21
N PRO A 506 -16.01 32.40 -6.80
CA PRO A 506 -15.85 32.12 -8.23
C PRO A 506 -16.43 33.23 -9.11
N ASN A 507 -15.84 33.44 -10.27
CA ASN A 507 -16.29 34.47 -11.19
C ASN A 507 -17.36 33.96 -12.15
N LEU A 508 -18.31 34.84 -12.47
CA LEU A 508 -19.37 34.50 -13.41
C LEU A 508 -18.92 34.84 -14.83
N SER A 509 -18.20 33.89 -15.43
CA SER A 509 -17.67 34.06 -16.78
C SER A 509 -17.47 32.71 -17.48
N VAL A 510 -17.21 32.78 -18.78
CA VAL A 510 -16.88 31.61 -19.58
C VAL A 510 -15.39 31.65 -19.85
N ASP A 511 -14.65 30.73 -19.24
CA ASP A 511 -13.20 30.66 -19.39
C ASP A 511 -12.72 29.21 -19.41
N GLU A 512 -11.40 29.02 -19.44
CA GLU A 512 -10.79 27.70 -19.47
C GLU A 512 -9.86 27.50 -18.28
N PRO A 513 -9.61 26.22 -17.90
CA PRO A 513 -8.56 25.95 -16.91
C PRO A 513 -7.20 26.43 -17.43
N LEU A 514 -6.36 26.94 -16.54
CA LEU A 514 -5.03 27.42 -16.91
C LEU A 514 -4.10 26.25 -17.19
N ASP A 515 -3.42 26.29 -18.33
CA ASP A 515 -2.43 25.26 -18.67
C ASP A 515 -1.15 25.47 -17.85
N VAL A 516 -1.07 24.75 -16.73
CA VAL A 516 0.03 24.87 -15.77
C VAL A 516 0.60 23.50 -15.39
N ASP A 517 1.80 23.48 -14.82
CA ASP A 517 2.37 22.25 -14.26
C ASP A 517 2.16 22.26 -12.75
N TYR A 518 1.32 21.35 -12.28
CA TYR A 518 0.87 21.33 -10.89
C TYR A 518 1.94 20.84 -9.91
N ARG A 519 3.02 20.30 -10.45
CA ARG A 519 4.14 19.79 -9.66
C ARG A 519 5.01 20.91 -9.11
N PHE A 520 4.76 22.14 -9.53
CA PHE A 520 5.51 23.29 -9.05
C PHE A 520 4.56 24.35 -8.49
N ASP A 521 4.97 25.00 -7.41
CA ASP A 521 4.18 26.04 -6.76
C ASP A 521 3.81 27.13 -7.76
N PHE A 522 2.51 27.45 -7.83
CA PHE A 522 2.01 28.48 -8.74
C PHE A 522 2.74 29.79 -8.54
N SER A 523 3.04 30.48 -9.64
CA SER A 523 3.61 31.82 -9.57
C SER A 523 2.54 32.81 -9.12
N ASP A 524 2.97 34.02 -8.74
CA ASP A 524 2.03 35.09 -8.41
C ASP A 524 1.08 35.41 -9.56
N GLU A 525 1.61 35.40 -10.79
CA GLU A 525 0.82 35.67 -11.99
C GLU A 525 -0.29 34.64 -12.21
N ILE A 526 0.03 33.37 -11.99
CA ILE A 526 -0.97 32.29 -12.04
C ILE A 526 -2.03 32.49 -10.96
N LYS A 527 -1.60 32.82 -9.74
CA LYS A 527 -2.52 33.05 -8.62
C LYS A 527 -3.49 34.20 -8.90
N GLU A 528 -3.00 35.24 -9.58
CA GLU A 528 -3.83 36.38 -9.96
C GLU A 528 -4.91 35.96 -10.95
N LYS A 529 -4.52 35.16 -11.94
CA LYS A 529 -5.46 34.64 -12.93
C LYS A 529 -6.48 33.67 -12.31
N ILE A 530 -6.04 32.92 -11.33
CA ILE A 530 -6.90 31.97 -10.61
C ILE A 530 -8.05 32.71 -9.90
N LYS A 531 -7.74 33.83 -9.26
CA LYS A 531 -8.75 34.63 -8.56
C LYS A 531 -9.82 35.23 -9.48
N LYS A 532 -9.63 35.12 -10.79
CA LYS A 532 -10.60 35.61 -11.78
C LYS A 532 -11.31 34.49 -12.55
N LEU A 533 -10.96 33.24 -12.28
CA LEU A 533 -11.55 32.09 -12.97
C LEU A 533 -12.95 31.74 -12.48
N SER A 534 -13.73 31.12 -13.36
CA SER A 534 -15.06 30.60 -13.02
C SER A 534 -14.96 29.38 -12.12
N ALA A 535 -16.10 29.00 -11.52
CA ALA A 535 -16.21 27.80 -10.70
C ALA A 535 -15.94 26.53 -11.51
N LYS A 536 -16.40 26.53 -12.76
CA LYS A 536 -16.18 25.40 -13.67
C LYS A 536 -14.68 25.18 -13.89
N SER A 537 -13.97 26.24 -14.26
CA SER A 537 -12.54 26.17 -14.49
C SER A 537 -11.76 25.80 -13.22
N LEU A 538 -12.16 26.36 -12.08
CA LEU A 538 -11.50 26.05 -10.81
C LEU A 538 -11.62 24.59 -10.41
N ASN A 539 -12.84 24.05 -10.49
CA ASN A 539 -13.11 22.65 -10.15
C ASN A 539 -12.36 21.64 -11.02
N GLU A 540 -12.21 21.98 -12.31
CA GLU A 540 -11.39 21.18 -13.21
C GLU A 540 -9.90 21.29 -12.85
N MET A 541 -9.46 22.49 -12.47
CA MET A 541 -8.07 22.68 -12.04
C MET A 541 -7.77 21.89 -10.76
N LEU A 542 -8.71 21.88 -9.82
CA LEU A 542 -8.58 21.13 -8.57
C LEU A 542 -8.49 19.64 -8.83
N PHE A 543 -9.29 19.13 -9.77
CA PHE A 543 -9.20 17.73 -10.19
C PHE A 543 -7.80 17.39 -10.68
N ARG A 544 -7.25 18.26 -11.52
CA ARG A 544 -5.93 18.04 -12.10
C ARG A 544 -4.82 18.15 -11.05
N ALA A 545 -4.98 19.07 -10.10
CA ALA A 545 -4.02 19.22 -9.01
C ALA A 545 -4.01 17.98 -8.13
N GLN A 546 -5.19 17.47 -7.82
CA GLN A 546 -5.33 16.28 -6.98
C GLN A 546 -4.82 15.02 -7.67
N ARG A 547 -5.09 14.90 -8.98
CA ARG A 547 -4.55 13.79 -9.76
C ARG A 547 -3.02 13.83 -9.81
N THR A 548 -2.47 15.04 -9.94
CA THR A 548 -1.03 15.27 -9.87
C THR A 548 -0.47 14.88 -8.50
N GLU A 549 -1.21 15.21 -7.45
CA GLU A 549 -0.82 14.87 -6.08
C GLU A 549 -0.80 13.35 -5.89
N VAL A 550 -1.85 12.66 -6.37
CA VAL A 550 -1.92 11.19 -6.28
C VAL A 550 -0.74 10.53 -7.00
N ALA A 551 -0.42 11.01 -8.20
CA ALA A 551 0.72 10.49 -8.96
C ALA A 551 2.02 10.68 -8.19
N GLY A 552 2.20 11.87 -7.61
CA GLY A 552 3.36 12.15 -6.75
C GLY A 552 3.41 11.23 -5.54
N MET A 553 2.24 10.99 -4.95
CA MET A 553 2.14 10.11 -3.77
C MET A 553 2.56 8.67 -4.11
N THR A 554 2.04 8.12 -5.20
CA THR A 554 2.43 6.77 -5.63
C THR A 554 3.94 6.63 -5.77
N ALA A 555 4.54 7.59 -6.47
CA ALA A 555 5.97 7.58 -6.78
C ALA A 555 6.86 7.71 -5.54
N GLN A 556 6.50 8.64 -4.66
CA GLN A 556 7.31 8.90 -3.46
C GLN A 556 7.09 7.88 -2.33
N ILE A 557 5.84 7.53 -2.03
CA ILE A 557 5.58 6.66 -0.89
C ILE A 557 6.11 5.24 -1.08
N ASN A 558 6.14 4.78 -2.33
CA ASN A 558 6.62 3.43 -2.62
C ASN A 558 8.14 3.32 -2.75
N ARG A 559 8.78 4.42 -3.13
CA ARG A 559 10.24 4.52 -3.05
C ARG A 559 10.68 4.60 -1.58
N LYS A 560 9.90 5.30 -0.76
CA LYS A 560 10.11 5.28 0.68
C LYS A 560 9.95 3.86 1.26
N ALA A 561 8.87 3.16 0.85
CA ALA A 561 8.66 1.78 1.30
C ALA A 561 9.80 0.86 0.85
N LEU A 562 10.37 1.10 -0.33
CA LEU A 562 11.50 0.30 -0.81
C LEU A 562 12.75 0.48 0.06
N ILE A 563 13.11 1.73 0.35
CA ILE A 563 14.29 2.00 1.18
C ILE A 563 14.12 1.58 2.65
N ASN A 564 12.92 1.79 3.21
CA ASN A 564 12.63 1.27 4.55
C ASN A 564 12.67 -0.25 4.53
N GLY A 565 12.26 -0.84 3.41
CA GLY A 565 12.35 -2.28 3.17
C GLY A 565 13.78 -2.82 3.29
N LEU A 566 14.76 -2.03 2.83
CA LEU A 566 16.17 -2.42 2.94
C LEU A 566 16.64 -2.48 4.40
N ALA A 567 16.24 -1.49 5.21
CA ALA A 567 16.55 -1.52 6.64
C ALA A 567 15.95 -2.76 7.30
N GLY A 568 14.71 -3.08 6.94
CA GLY A 568 14.03 -4.27 7.45
C GLY A 568 14.59 -5.59 6.92
N ALA A 569 15.03 -5.58 5.66
CA ALA A 569 15.61 -6.79 5.04
C ALA A 569 16.83 -7.32 5.79
N LEU A 570 17.61 -6.41 6.36
CA LEU A 570 18.76 -6.75 7.20
C LEU A 570 18.35 -7.61 8.39
N GLY A 571 17.05 -7.61 8.70
CA GLY A 571 16.49 -8.41 9.77
C GLY A 571 15.66 -9.60 9.29
N ASN A 572 15.74 -9.91 7.99
CA ASN A 572 15.05 -11.07 7.44
C ASN A 572 16.06 -12.15 7.03
N VAL A 573 15.86 -13.36 7.59
CA VAL A 573 16.84 -14.45 7.46
C VAL A 573 17.11 -14.90 6.01
N TRP A 574 16.26 -14.49 5.06
CA TRP A 574 16.42 -14.89 3.67
C TRP A 574 17.18 -13.88 2.84
N PHE A 575 17.49 -12.72 3.43
CA PHE A 575 18.26 -11.68 2.76
C PHE A 575 19.73 -12.08 2.76
N ARG A 576 20.37 -11.99 1.59
CA ARG A 576 21.80 -12.30 1.46
C ARG A 576 22.66 -11.55 2.48
N TYR A 577 22.27 -10.32 2.81
CA TYR A 577 23.04 -9.49 3.78
C TYR A 577 22.39 -9.40 5.16
N TYR A 578 21.60 -10.41 5.51
CA TYR A 578 21.03 -10.52 6.85
C TYR A 578 22.12 -10.39 7.91
N ASP A 579 21.90 -9.50 8.89
CA ASP A 579 22.87 -9.31 9.96
C ASP A 579 22.20 -8.48 11.06
N LEU A 580 21.94 -9.11 12.20
CA LEU A 580 21.24 -8.42 13.28
C LEU A 580 22.07 -7.30 13.91
N ARG A 581 23.40 -7.35 13.76
CA ARG A 581 24.29 -6.26 14.19
C ARG A 581 23.96 -4.97 13.47
N ASN A 582 23.74 -5.09 12.15
CA ASN A 582 23.33 -3.95 11.32
C ASN A 582 21.85 -3.58 11.50
N ALA A 583 20.98 -4.59 11.57
CA ALA A 583 19.56 -4.32 11.78
C ALA A 583 19.36 -3.57 13.11
N THR A 584 19.96 -4.08 14.20
CA THR A 584 19.85 -3.42 15.51
C THR A 584 20.67 -2.13 15.63
N ALA A 585 21.76 -2.01 14.85
CA ALA A 585 22.51 -0.75 14.84
C ALA A 585 21.60 0.39 14.42
N ILE A 586 20.69 0.11 13.49
CA ILE A 586 19.71 1.08 13.02
C ILE A 586 18.66 1.38 14.10
N THR A 587 17.97 0.35 14.56
CA THR A 587 16.83 0.55 15.47
C THR A 587 17.25 1.20 16.79
N THR A 588 18.40 0.77 17.31
CA THR A 588 18.91 1.30 18.58
C THR A 588 19.34 2.76 18.45
N PHE A 589 19.96 3.11 17.33
CA PHE A 589 20.32 4.50 17.05
C PHE A 589 19.04 5.36 17.03
N GLY A 590 17.98 4.83 16.41
CA GLY A 590 16.68 5.49 16.34
C GLY A 590 16.09 5.78 17.71
N GLN A 591 16.12 4.78 18.58
CA GLN A 591 15.66 4.95 19.96
C GLN A 591 16.42 6.04 20.69
N MET A 592 17.74 6.04 20.54
CA MET A 592 18.58 7.07 21.14
C MET A 592 18.24 8.45 20.61
N ALA A 593 18.12 8.55 19.27
CA ALA A 593 17.89 9.82 18.58
C ALA A 593 16.60 10.51 19.04
N LEU A 594 15.52 9.74 19.14
CA LEU A 594 14.21 10.25 19.55
C LEU A 594 14.24 10.78 20.98
N GLN A 595 14.82 9.99 21.88
CA GLN A 595 14.88 10.34 23.31
C GLN A 595 15.93 11.42 23.65
N TRP A 596 17.01 11.44 22.89
CA TRP A 596 18.01 12.53 22.95
C TRP A 596 17.33 13.83 22.63
N ILE A 597 16.62 13.89 21.50
CA ILE A 597 16.03 15.14 21.06
C ILE A 597 14.83 15.55 21.92
N GLU A 598 14.15 14.59 22.54
CA GLU A 598 13.12 14.89 23.55
C GLU A 598 13.76 15.72 24.67
N ARG A 599 14.87 15.23 25.19
CA ARG A 599 15.61 15.94 26.23
C ARG A 599 16.01 17.34 25.76
N LYS A 600 16.58 17.42 24.56
CA LYS A 600 17.05 18.69 24.01
C LYS A 600 15.91 19.70 23.83
N VAL A 601 14.76 19.24 23.32
CA VAL A 601 13.61 20.13 23.15
C VAL A 601 13.03 20.63 24.48
N ASN A 602 12.92 19.73 25.46
CA ASN A 602 12.51 20.11 26.83
C ASN A 602 13.44 21.14 27.45
N GLU A 603 14.75 20.92 27.31
CA GLU A 603 15.76 21.87 27.79
C GLU A 603 15.63 23.24 27.13
N TYR A 604 15.53 23.24 25.80
CA TYR A 604 15.45 24.50 25.05
C TYR A 604 14.20 25.33 25.41
N LEU A 605 13.04 24.67 25.46
CA LEU A 605 11.79 25.38 25.69
C LEU A 605 11.63 25.89 27.13
N ASN A 606 12.15 25.15 28.11
CA ASN A 606 12.23 25.66 29.48
C ASN A 606 13.09 26.93 29.55
N GLU A 607 14.20 26.89 28.83
CA GLU A 607 15.12 28.02 28.74
C GLU A 607 14.45 29.27 28.17
N VAL A 608 13.85 29.16 26.98
CA VAL A 608 13.24 30.34 26.32
C VAL A 608 11.96 30.82 27.00
N CYS A 609 11.29 29.93 27.72
CA CYS A 609 10.09 30.29 28.47
C CYS A 609 10.41 30.77 29.90
N GLY A 610 11.69 30.72 30.26
CA GLY A 610 12.16 31.20 31.57
C GLY A 610 11.80 30.31 32.74
N THR A 611 11.59 29.02 32.47
CA THR A 611 11.20 28.04 33.48
C THR A 611 12.21 26.89 33.60
N GLU A 612 11.86 25.89 34.42
CA GLU A 612 12.70 24.73 34.63
C GLU A 612 11.85 23.51 34.99
N GLY A 613 12.19 22.37 34.39
CA GLY A 613 11.57 21.10 34.73
C GLY A 613 10.22 20.78 34.13
N GLU A 614 9.68 21.68 33.33
CA GLU A 614 8.37 21.45 32.69
C GLU A 614 8.51 20.51 31.49
N ALA A 615 7.56 19.58 31.35
CA ALA A 615 7.55 18.66 30.23
C ALA A 615 6.81 19.29 29.06
N PHE A 616 7.54 19.57 27.99
CA PHE A 616 6.94 20.11 26.78
C PHE A 616 6.59 18.99 25.80
N VAL A 617 7.49 18.03 25.66
CA VAL A 617 7.27 16.89 24.77
C VAL A 617 6.29 15.92 25.45
N LEU A 618 5.09 15.81 24.88
CA LEU A 618 4.02 15.00 25.49
C LEU A 618 3.99 13.57 24.97
N TYR A 619 4.64 13.34 23.82
CA TYR A 619 4.53 12.05 23.12
C TYR A 619 5.56 11.96 22.01
N GLY A 620 5.88 10.74 21.61
CA GLY A 620 6.78 10.48 20.50
C GLY A 620 6.68 9.02 20.09
N ASP A 621 6.87 8.76 18.79
CA ASP A 621 6.81 7.39 18.26
C ASP A 621 7.78 7.27 17.10
N THR A 622 8.83 6.46 17.32
CA THR A 622 9.86 6.13 16.32
C THR A 622 10.78 7.30 15.92
N ASP A 623 10.21 8.32 15.27
CA ASP A 623 11.00 9.42 14.71
C ASP A 623 10.31 10.78 14.83
N SER A 624 9.25 10.83 15.62
CA SER A 624 8.45 12.05 15.74
C SER A 624 8.28 12.43 17.20
N ILE A 625 8.15 13.73 17.45
CA ILE A 625 7.82 14.22 18.79
C ILE A 625 6.62 15.17 18.70
N TYR A 626 5.82 15.19 19.77
CA TYR A 626 4.68 16.08 19.87
C TYR A 626 4.88 17.02 21.06
N VAL A 627 4.92 18.31 20.76
CA VAL A 627 5.25 19.33 21.74
C VAL A 627 3.98 20.09 22.09
N SER A 628 3.67 20.15 23.39
CA SER A 628 2.58 21.00 23.86
C SER A 628 3.01 22.45 23.73
N ALA A 629 2.22 23.22 22.98
CA ALA A 629 2.55 24.62 22.69
C ALA A 629 1.76 25.61 23.57
N ASP A 630 1.02 25.09 24.54
CA ASP A 630 0.25 25.92 25.48
C ASP A 630 1.06 27.05 26.12
N LYS A 631 2.22 26.71 26.67
CA LYS A 631 3.05 27.71 27.35
C LYS A 631 3.64 28.75 26.39
N ILE A 632 3.81 28.37 25.14
CA ILE A 632 4.30 29.29 24.11
C ILE A 632 3.22 30.31 23.78
N ILE A 633 1.99 29.83 23.59
CA ILE A 633 0.83 30.69 23.35
C ILE A 633 0.54 31.58 24.57
N ASP A 634 0.60 30.99 25.78
CA ASP A 634 0.35 31.74 27.02
C ASP A 634 1.39 32.80 27.32
N LYS A 635 2.64 32.54 26.96
CA LYS A 635 3.72 33.50 27.21
C LYS A 635 3.48 34.80 26.44
N VAL A 636 2.95 34.67 25.23
CA VAL A 636 2.52 35.83 24.45
C VAL A 636 1.22 36.37 25.04
N GLY A 637 0.30 35.47 25.37
CA GLY A 637 -1.04 35.85 25.77
C GLY A 637 -1.97 35.65 24.59
N GLU A 638 -3.02 34.84 24.81
CA GLU A 638 -3.94 34.46 23.73
C GLU A 638 -4.68 35.66 23.12
N SER A 639 -5.00 36.66 23.94
CA SER A 639 -5.76 37.84 23.48
C SER A 639 -5.02 38.70 22.45
N LYS A 640 -3.72 38.45 22.28
CA LYS A 640 -2.91 39.19 21.32
C LYS A 640 -3.13 38.74 19.87
N PHE A 641 -3.78 37.59 19.67
CA PHE A 641 -4.00 37.05 18.34
C PHE A 641 -5.32 37.50 17.72
N ARG A 642 -5.26 37.96 16.47
CA ARG A 642 -6.41 38.51 15.77
C ARG A 642 -7.41 37.44 15.35
N ASP A 643 -6.89 36.30 14.92
CA ASP A 643 -7.69 35.18 14.45
C ASP A 643 -6.85 33.91 14.54
N THR A 644 -7.43 32.78 14.13
CA THR A 644 -6.73 31.50 14.17
C THR A 644 -5.43 31.54 13.37
N ASN A 645 -5.52 32.01 12.11
CA ASN A 645 -4.37 32.08 11.22
C ASN A 645 -3.19 32.89 11.79
N HIS A 646 -3.52 33.88 12.63
CA HIS A 646 -2.49 34.65 13.32
C HIS A 646 -1.67 33.82 14.29
N TRP A 647 -2.29 33.01 15.14
CA TRP A 647 -1.50 32.16 16.03
C TRP A 647 -0.82 31.04 15.30
N VAL A 648 -1.45 30.55 14.24
CA VAL A 648 -0.84 29.53 13.37
C VAL A 648 0.45 30.07 12.74
N ASP A 649 0.39 31.28 12.19
CA ASP A 649 1.58 31.97 11.65
C ASP A 649 2.65 32.13 12.72
N PHE A 650 2.23 32.49 13.93
CA PHE A 650 3.17 32.70 15.04
C PHE A 650 3.92 31.43 15.38
N LEU A 651 3.18 30.34 15.56
CA LEU A 651 3.80 29.03 15.86
C LEU A 651 4.65 28.50 14.71
N ASP A 652 4.21 28.74 13.48
CA ASP A 652 4.98 28.34 12.31
C ASP A 652 6.35 29.01 12.33
N LYS A 653 6.34 30.31 12.58
CA LYS A 653 7.57 31.11 12.66
C LYS A 653 8.43 30.63 13.84
N PHE A 654 7.82 30.43 15.00
CA PHE A 654 8.51 29.96 16.21
C PHE A 654 9.26 28.64 15.94
N ALA A 655 8.57 27.70 15.31
CA ALA A 655 9.15 26.39 14.99
C ALA A 655 10.34 26.52 14.04
N ARG A 656 10.16 27.30 12.98
CA ARG A 656 11.17 27.39 11.91
C ARG A 656 12.39 28.21 12.32
N GLU A 657 12.15 29.33 13.00
CA GLU A 657 13.22 30.27 13.32
C GLU A 657 13.93 29.99 14.64
N ARG A 658 13.22 29.36 15.58
CA ARG A 658 13.74 29.16 16.93
C ARG A 658 13.98 27.68 17.26
N MET A 659 12.93 26.87 17.16
CA MET A 659 13.04 25.46 17.53
C MET A 659 13.92 24.64 16.61
N GLU A 660 13.68 24.72 15.31
CA GLU A 660 14.46 23.91 14.35
C GLU A 660 15.98 24.12 14.47
N PRO A 661 16.46 25.39 14.56
CA PRO A 661 17.91 25.56 14.78
C PRO A 661 18.41 24.94 16.07
N ALA A 662 17.61 24.99 17.14
CA ALA A 662 17.97 24.32 18.39
C ALA A 662 17.97 22.79 18.24
N ILE A 663 17.02 22.27 17.47
CA ILE A 663 16.96 20.83 17.17
C ILE A 663 18.19 20.42 16.37
N ASP A 664 18.52 21.21 15.35
CA ASP A 664 19.74 21.02 14.55
C ASP A 664 21.00 20.98 15.40
N ARG A 665 21.16 21.93 16.31
CA ARG A 665 22.31 21.97 17.23
C ARG A 665 22.36 20.69 18.07
N GLY A 666 21.21 20.29 18.59
CA GLY A 666 21.09 19.08 19.39
C GLY A 666 21.58 17.86 18.66
N PHE A 667 21.16 17.69 17.40
CA PHE A 667 21.53 16.52 16.60
C PHE A 667 22.98 16.55 16.10
N ARG A 668 23.51 17.74 15.82
CA ARG A 668 24.92 17.86 15.43
CA ARG A 668 24.92 17.86 15.43
C ARG A 668 25.84 17.43 16.57
N GLU A 669 25.41 17.71 17.80
CA GLU A 669 26.15 17.30 18.99
C GLU A 669 26.09 15.78 19.15
N MET A 670 24.94 15.19 18.84
CA MET A 670 24.77 13.74 18.91
C MET A 670 25.63 13.02 17.88
N CYS A 671 25.68 13.55 16.66
CA CYS A 671 26.53 13.06 15.58
C CYS A 671 28.01 13.04 15.98
N GLU A 672 28.46 14.11 16.63
CA GLU A 672 29.82 14.21 17.17
C GLU A 672 30.06 13.19 18.29
N TYR A 673 29.07 13.04 19.15
CA TYR A 673 29.11 12.05 20.23
C TYR A 673 29.35 10.64 19.68
N MET A 674 28.61 10.26 18.63
CA MET A 674 28.76 8.95 18.01
C MET A 674 29.87 8.92 16.94
N ASN A 675 30.50 10.07 16.71
CA ASN A 675 31.56 10.23 15.70
C ASN A 675 31.13 9.74 14.31
N ASN A 676 29.92 10.10 13.91
CA ASN A 676 29.31 9.59 12.68
C ASN A 676 29.92 10.16 11.41
N LYS A 677 29.76 9.44 10.31
CA LYS A 677 30.33 9.83 9.00
C LYS A 677 29.74 11.16 8.51
N GLN A 678 28.43 11.31 8.60
CA GLN A 678 27.77 12.51 8.08
C GLN A 678 26.49 12.81 8.89
N HIS A 679 26.29 14.07 9.25
CA HIS A 679 25.08 14.47 9.97
C HIS A 679 23.89 14.51 9.04
N LEU A 680 22.93 13.63 9.29
CA LEU A 680 21.73 13.54 8.44
C LEU A 680 20.44 13.46 9.25
N MET A 681 20.52 13.76 10.54
CA MET A 681 19.34 13.75 11.40
C MET A 681 18.64 15.10 11.22
N PHE A 682 17.71 15.14 10.27
CA PHE A 682 17.01 16.39 9.91
C PHE A 682 15.56 16.33 10.39
N MET A 683 15.28 17.05 11.47
CA MET A 683 13.95 17.03 12.08
C MET A 683 13.25 18.36 11.83
N ASP A 684 12.19 18.32 11.02
CA ASP A 684 11.42 19.49 10.62
C ASP A 684 10.04 19.47 11.27
N ARG A 685 9.46 20.66 11.43
CA ARG A 685 8.11 20.80 11.95
C ARG A 685 7.12 20.11 11.01
N GLU A 686 6.21 19.32 11.57
CA GLU A 686 5.23 18.65 10.75
C GLU A 686 3.86 19.32 10.91
N ALA A 687 3.17 19.05 12.01
CA ALA A 687 1.81 19.60 12.21
C ALA A 687 1.76 20.77 13.18
N ILE A 688 0.85 21.71 12.89
CA ILE A 688 0.45 22.75 13.84
C ILE A 688 -1.04 22.54 14.14
N ALA A 689 -1.35 22.35 15.42
CA ALA A 689 -2.70 21.95 15.83
C ALA A 689 -3.27 22.75 16.98
N GLY A 690 -4.58 22.98 16.92
CA GLY A 690 -5.31 23.65 17.97
C GLY A 690 -6.76 23.88 17.60
N PRO A 691 -7.54 24.40 18.56
CA PRO A 691 -8.94 24.73 18.30
C PRO A 691 -9.04 26.06 17.55
N PRO A 692 -10.16 26.28 16.82
CA PRO A 692 -10.37 27.62 16.25
C PRO A 692 -10.38 28.66 17.37
N LEU A 693 -9.77 29.81 17.14
CA LEU A 693 -9.69 30.88 18.14
C LEU A 693 -11.09 31.25 18.60
N GLY A 694 -11.29 31.33 19.91
CA GLY A 694 -12.56 31.75 20.48
C GLY A 694 -13.62 30.67 20.59
N SER A 695 -13.30 29.45 20.14
CA SER A 695 -14.22 28.32 20.23
C SER A 695 -14.04 27.59 21.57
N LYS A 696 -14.89 26.60 21.81
CA LYS A 696 -14.77 25.74 22.99
C LYS A 696 -14.17 24.39 22.63
N GLY A 697 -13.59 24.31 21.43
CA GLY A 697 -12.92 23.09 20.98
C GLY A 697 -11.69 22.79 21.82
N ILE A 698 -11.40 21.50 21.98
CA ILE A 698 -10.29 21.08 22.82
C ILE A 698 -8.96 20.95 22.05
N GLY A 699 -9.02 21.08 20.72
CA GLY A 699 -7.80 21.02 19.90
C GLY A 699 -7.33 19.61 19.57
N GLY A 700 -7.12 18.80 20.60
CA GLY A 700 -6.64 17.43 20.43
C GLY A 700 -6.77 16.59 21.70
N PHE A 701 -6.48 15.29 21.56
CA PHE A 701 -6.39 14.38 22.71
C PHE A 701 -5.58 13.12 22.39
N TRP A 702 -5.02 12.51 23.42
CA TRP A 702 -4.38 11.19 23.34
C TRP A 702 -5.11 10.26 24.26
N THR A 703 -5.36 9.03 23.81
CA THR A 703 -5.88 7.99 24.71
C THR A 703 -4.75 7.06 25.18
N GLY A 704 -3.69 6.98 24.39
CA GLY A 704 -2.55 6.10 24.70
C GLY A 704 -1.59 6.06 23.53
N LYS A 705 -0.62 5.15 23.59
CA LYS A 705 0.32 4.97 22.48
C LYS A 705 -0.45 4.65 21.19
N LYS A 706 -0.04 5.31 20.11
CA LYS A 706 -0.56 5.10 18.74
C LYS A 706 -2.07 5.40 18.59
N ARG A 707 -2.61 6.24 19.48
CA ARG A 707 -4.03 6.55 19.52
C ARG A 707 -4.28 8.01 19.89
N TYR A 708 -4.52 8.84 18.87
CA TYR A 708 -4.71 10.26 19.09
C TYR A 708 -5.45 10.97 17.96
N ALA A 709 -5.89 12.19 18.23
CA ALA A 709 -6.58 13.01 17.24
C ALA A 709 -6.17 14.45 17.43
N LEU A 710 -5.98 15.18 16.32
CA LEU A 710 -5.56 16.57 16.33
C LEU A 710 -6.34 17.39 15.30
N ASN A 711 -6.69 18.62 15.66
CA ASN A 711 -7.25 19.54 14.68
C ASN A 711 -6.13 20.36 14.04
N VAL A 712 -5.77 20.02 12.80
CA VAL A 712 -4.55 20.55 12.17
C VAL A 712 -4.82 21.69 11.18
N TRP A 713 -4.06 22.78 11.31
CA TRP A 713 -4.19 23.93 10.41
C TRP A 713 -3.13 23.98 9.34
N ASP A 714 -1.96 23.41 9.65
CA ASP A 714 -0.82 23.39 8.72
C ASP A 714 -0.08 22.07 8.85
N MET A 715 0.15 21.41 7.72
CA MET A 715 0.88 20.15 7.70
C MET A 715 2.02 20.21 6.69
N GLU A 716 3.25 20.08 7.20
CA GLU A 716 4.47 20.10 6.39
C GLU A 716 4.52 21.24 5.38
N GLY A 717 4.02 22.41 5.79
CA GLY A 717 4.01 23.60 4.93
C GLY A 717 2.77 23.81 4.09
N THR A 718 1.80 22.88 4.15
CA THR A 718 0.52 23.10 3.49
C THR A 718 -0.46 23.76 4.47
N ARG A 719 -0.78 25.02 4.21
CA ARG A 719 -1.76 25.76 5.00
C ARG A 719 -3.15 25.45 4.47
N TYR A 720 -3.96 24.78 5.28
CA TYR A 720 -5.27 24.32 4.83
C TYR A 720 -6.28 25.46 4.72
N ALA A 721 -7.06 25.43 3.65
CA ALA A 721 -8.23 26.29 3.50
C ALA A 721 -9.20 26.03 4.66
N GLU A 722 -9.36 24.75 5.01
CA GLU A 722 -10.19 24.34 6.12
C GLU A 722 -9.41 23.39 7.04
N PRO A 723 -9.59 23.50 8.37
CA PRO A 723 -8.83 22.65 9.28
C PRO A 723 -9.09 21.18 8.98
N LYS A 724 -8.06 20.34 9.11
CA LYS A 724 -8.16 18.93 8.77
C LYS A 724 -7.88 18.05 9.99
N LEU A 725 -8.75 17.07 10.25
CA LEU A 725 -8.53 16.17 11.39
C LEU A 725 -7.41 15.19 11.09
N LYS A 726 -6.40 15.15 11.96
CA LYS A 726 -5.40 14.11 11.89
C LYS A 726 -5.71 13.09 12.98
N ILE A 727 -6.28 11.96 12.59
CA ILE A 727 -6.64 10.90 13.52
C ILE A 727 -5.81 9.66 13.26
N MET A 728 -5.05 9.23 14.27
CA MET A 728 -4.25 8.03 14.16
C MET A 728 -4.70 6.95 15.15
N GLY A 729 -4.88 5.74 14.64
CA GLY A 729 -5.12 4.56 15.49
C GLY A 729 -6.54 4.34 15.98
N LEU A 730 -7.30 5.42 16.11
CA LEU A 730 -8.66 5.36 16.63
C LEU A 730 -9.58 4.65 15.63
N GLU A 731 -10.73 4.18 16.11
CA GLU A 731 -11.64 3.31 15.34
C GLU A 731 -12.09 3.89 13.98
N THR A 732 -12.07 5.22 13.86
CA THR A 732 -12.39 5.90 12.60
C THR A 732 -11.43 5.47 11.49
N GLN A 733 -10.21 5.06 11.88
CA GLN A 733 -9.15 4.70 10.93
C GLN A 733 -9.10 3.23 10.59
N LYS A 734 -9.93 2.43 11.25
CA LYS A 734 -9.84 0.97 11.14
C LYS A 734 -10.91 0.40 10.22
N SER A 735 -10.46 -0.44 9.29
CA SER A 735 -11.35 -1.05 8.29
C SER A 735 -12.34 -2.05 8.92
N SER A 736 -12.04 -2.49 10.14
CA SER A 736 -12.95 -3.38 10.87
C SER A 736 -14.18 -2.66 11.42
N THR A 737 -14.12 -1.33 11.53
CA THR A 737 -15.20 -0.52 12.12
C THR A 737 -16.29 -0.26 11.07
N PRO A 738 -17.58 -0.40 11.46
CA PRO A 738 -18.67 -0.17 10.49
C PRO A 738 -18.56 1.20 9.83
N LYS A 739 -18.85 1.24 8.52
CA LYS A 739 -18.76 2.47 7.73
C LYS A 739 -19.50 3.66 8.35
N ALA A 740 -20.76 3.47 8.75
CA ALA A 740 -21.56 4.56 9.32
C ALA A 740 -21.04 4.96 10.70
N VAL A 741 -20.47 3.98 11.41
CA VAL A 741 -19.86 4.22 12.72
C VAL A 741 -18.55 5.01 12.62
N GLN A 742 -17.74 4.72 11.61
CA GLN A 742 -16.53 5.50 11.35
C GLN A 742 -16.91 6.97 11.16
N LYS A 743 -17.98 7.17 10.37
CA LYS A 743 -18.47 8.49 10.01
C LYS A 743 -18.96 9.23 11.25
N ALA A 744 -19.74 8.54 12.08
CA ALA A 744 -20.31 9.13 13.30
C ALA A 744 -19.26 9.45 14.36
N LEU A 745 -18.32 8.53 14.57
CA LEU A 745 -17.18 8.76 15.47
C LEU A 745 -16.28 9.91 15.01
N LYS A 746 -16.10 10.04 13.69
CA LYS A 746 -15.29 11.15 13.17
C LYS A 746 -15.95 12.51 13.43
N GLU A 747 -17.27 12.56 13.27
CA GLU A 747 -18.04 13.77 13.58
C GLU A 747 -18.02 14.08 15.09
N CYS A 748 -18.10 13.03 15.92
CA CYS A 748 -17.93 13.19 17.37
C CYS A 748 -16.58 13.82 17.69
N ILE A 749 -15.52 13.34 17.05
CA ILE A 749 -14.19 13.89 17.23
C ILE A 749 -14.14 15.34 16.71
N ARG A 750 -14.63 15.56 15.49
CA ARG A 750 -14.63 16.90 14.92
C ARG A 750 -15.24 17.91 15.89
N ARG A 751 -16.39 17.56 16.44
CA ARG A 751 -17.10 18.43 17.37
C ARG A 751 -16.31 18.65 18.66
N MET A 752 -15.77 17.58 19.24
CA MET A 752 -14.89 17.68 20.41
C MET A 752 -13.76 18.69 20.17
N LEU A 753 -13.04 18.50 19.06
CA LEU A 753 -11.82 19.25 18.81
C LEU A 753 -12.08 20.70 18.42
N GLN A 754 -13.18 20.92 17.70
CA GLN A 754 -13.45 22.21 17.08
C GLN A 754 -14.52 23.03 17.79
N GLU A 755 -15.46 22.36 18.46
CA GLU A 755 -16.65 23.05 19.00
C GLU A 755 -16.87 22.87 20.51
N GLY A 756 -16.47 21.72 21.05
CA GLY A 756 -16.54 21.49 22.49
C GLY A 756 -17.62 20.51 22.94
N GLU A 757 -17.76 20.38 24.26
CA GLU A 757 -18.58 19.34 24.89
C GLU A 757 -20.07 19.35 24.50
N GLU A 758 -20.69 20.52 24.54
CA GLU A 758 -22.11 20.64 24.27
C GLU A 758 -22.45 20.21 22.84
N SER A 759 -21.64 20.67 21.88
CA SER A 759 -21.79 20.23 20.50
C SER A 759 -21.75 18.71 20.35
N LEU A 760 -20.78 18.07 21.01
CA LEU A 760 -20.67 16.61 21.03
C LEU A 760 -21.95 15.94 21.56
N GLN A 761 -22.44 16.44 22.69
CA GLN A 761 -23.62 15.88 23.34
C GLN A 761 -24.87 15.95 22.44
N GLU A 762 -25.02 17.06 21.73
CA GLU A 762 -26.10 17.22 20.77
C GLU A 762 -25.99 16.23 19.60
N TYR A 763 -24.79 15.98 19.09
CA TYR A 763 -24.63 15.00 18.02
C TYR A 763 -24.89 13.59 18.51
N PHE A 764 -24.34 13.25 19.69
CA PHE A 764 -24.47 11.90 20.23
C PHE A 764 -25.93 11.53 20.35
N LYS A 765 -26.72 12.47 20.85
CA LYS A 765 -28.15 12.27 21.10
C LYS A 765 -28.89 11.95 19.82
N GLU A 766 -28.55 12.68 18.75
CA GLU A 766 -29.16 12.47 17.45
C GLU A 766 -28.82 11.11 16.87
N PHE A 767 -27.54 10.75 16.95
CA PHE A 767 -27.08 9.50 16.36
C PHE A 767 -27.71 8.29 17.04
N GLU A 768 -27.79 8.34 18.38
CA GLU A 768 -28.40 7.24 19.14
C GLU A 768 -29.87 7.06 18.76
N LYS A 769 -30.56 8.17 18.55
CA LYS A 769 -31.97 8.18 18.18
C LYS A 769 -32.24 7.67 16.76
N GLU A 770 -31.30 7.85 15.85
CA GLU A 770 -31.52 7.45 14.45
C GLU A 770 -30.76 6.19 14.04
N PHE A 771 -29.93 5.67 14.94
CA PHE A 771 -29.05 4.51 14.69
C PHE A 771 -29.78 3.35 13.99
N ARG A 772 -30.97 3.03 14.49
CA ARG A 772 -31.74 1.87 14.00
C ARG A 772 -32.23 1.99 12.57
N GLN A 773 -32.11 3.20 12.00
CA GLN A 773 -32.57 3.49 10.64
C GLN A 773 -31.51 3.26 9.57
N LEU A 774 -30.27 3.14 10.02
CA LEU A 774 -29.15 2.97 9.09
C LEU A 774 -29.20 1.62 8.38
N ASN A 775 -28.80 1.62 7.12
CA ASN A 775 -28.68 0.38 6.34
C ASN A 775 -27.78 -0.63 7.05
N TYR A 776 -28.20 -1.90 7.04
CA TYR A 776 -27.51 -2.94 7.80
C TYR A 776 -26.04 -3.12 7.42
N ILE A 777 -25.71 -2.92 6.15
CA ILE A 777 -24.33 -3.06 5.70
C ILE A 777 -23.47 -1.91 6.25
N SER A 778 -24.06 -0.74 6.40
CA SER A 778 -23.36 0.44 6.90
C SER A 778 -22.99 0.31 8.37
N ILE A 779 -23.70 -0.57 9.08
CA ILE A 779 -23.46 -0.77 10.52
C ILE A 779 -22.88 -2.15 10.87
N ALA A 780 -22.59 -2.95 9.85
CA ALA A 780 -21.91 -4.24 10.04
C ALA A 780 -20.43 -4.04 10.31
N SER A 781 -19.87 -4.82 11.23
CA SER A 781 -18.42 -4.85 11.44
C SER A 781 -17.78 -5.70 10.33
N VAL A 782 -16.46 -5.62 10.21
CA VAL A 782 -15.72 -6.33 9.15
C VAL A 782 -14.55 -7.07 9.79
N SER A 783 -14.28 -8.29 9.32
CA SER A 783 -13.06 -8.99 9.73
C SER A 783 -12.52 -9.91 8.63
N SER A 784 -11.21 -10.13 8.66
CA SER A 784 -10.59 -11.15 7.82
C SER A 784 -10.93 -12.52 8.39
N ALA A 785 -11.15 -13.50 7.52
CA ALA A 785 -11.55 -14.85 7.95
C ALA A 785 -10.45 -15.88 7.72
N ASN A 786 -9.54 -15.99 8.68
CA ASN A 786 -8.45 -16.95 8.62
C ASN A 786 -8.71 -18.21 9.45
N ASN A 787 -8.16 -19.34 9.01
CA ASN A 787 -8.27 -20.62 9.70
C ASN A 787 -9.71 -21.03 10.07
N ILE A 788 -10.62 -20.89 9.10
CA ILE A 788 -12.03 -21.23 9.32
C ILE A 788 -12.19 -22.71 9.66
N ALA A 789 -11.52 -23.57 8.90
CA ALA A 789 -11.54 -25.03 9.11
C ALA A 789 -11.15 -25.44 10.52
N LYS A 790 -10.11 -24.81 11.06
CA LYS A 790 -9.59 -25.12 12.40
C LYS A 790 -10.68 -25.14 13.48
N TYR A 791 -11.65 -24.24 13.36
CA TYR A 791 -12.68 -24.10 14.37
C TYR A 791 -14.03 -24.70 13.95
N ASP A 792 -14.02 -25.46 12.86
CA ASP A 792 -15.23 -26.04 12.27
C ASP A 792 -15.45 -27.48 12.74
N VAL A 793 -16.28 -27.64 13.77
CA VAL A 793 -16.60 -28.98 14.32
C VAL A 793 -18.04 -29.37 13.97
N GLY A 794 -18.19 -30.03 12.82
CA GLY A 794 -19.50 -30.45 12.32
C GLY A 794 -20.45 -29.31 12.04
N GLY A 795 -19.92 -28.20 11.54
CA GLY A 795 -20.71 -27.00 11.26
C GLY A 795 -20.91 -26.10 12.47
N PHE A 796 -20.35 -26.49 13.61
CA PHE A 796 -20.49 -25.75 14.87
C PHE A 796 -19.14 -25.30 15.39
N PRO A 797 -19.14 -24.27 16.27
CA PRO A 797 -17.85 -23.71 16.73
C PRO A 797 -17.08 -24.59 17.70
N GLY A 798 -15.81 -24.84 17.37
CA GLY A 798 -14.88 -25.52 18.29
C GLY A 798 -14.37 -24.59 19.37
N PRO A 799 -13.47 -25.08 20.24
CA PRO A 799 -12.97 -24.28 21.37
C PRO A 799 -12.13 -23.08 20.92
N LYS A 800 -12.30 -21.96 21.64
CA LYS A 800 -11.61 -20.69 21.36
C LYS A 800 -11.95 -20.09 19.98
N CYS A 801 -13.11 -20.47 19.44
CA CYS A 801 -13.56 -19.95 18.14
C CYS A 801 -13.77 -18.44 18.16
N PRO A 802 -13.05 -17.69 17.30
CA PRO A 802 -13.25 -16.24 17.24
C PRO A 802 -14.69 -15.87 16.85
N PHE A 803 -15.14 -14.72 17.33
CA PHE A 803 -16.49 -14.20 17.05
C PHE A 803 -16.85 -14.18 15.57
N HIS A 804 -15.96 -13.68 14.72
CA HIS A 804 -16.23 -13.60 13.29
C HIS A 804 -16.30 -14.96 12.64
N ILE A 805 -15.45 -15.88 13.10
CA ILE A 805 -15.46 -17.26 12.60
C ILE A 805 -16.75 -17.99 13.01
N ARG A 806 -17.23 -17.75 14.22
CA ARG A 806 -18.53 -18.24 14.67
C ARG A 806 -19.65 -17.74 13.75
N GLY A 807 -19.55 -16.48 13.32
CA GLY A 807 -20.52 -15.89 12.40
C GLY A 807 -20.56 -16.60 11.07
N ILE A 808 -19.38 -16.95 10.55
CA ILE A 808 -19.25 -17.69 9.30
C ILE A 808 -19.91 -19.08 9.39
N LEU A 809 -19.68 -19.80 10.48
CA LEU A 809 -20.28 -21.13 10.68
C LEU A 809 -21.80 -21.05 10.79
N THR A 810 -22.29 -20.00 11.46
CA THR A 810 -23.73 -19.73 11.49
C THR A 810 -24.25 -19.58 10.06
N TYR A 811 -23.55 -18.79 9.26
CA TYR A 811 -23.92 -18.56 7.86
C TYR A 811 -23.92 -19.85 7.04
N ASN A 812 -22.85 -20.63 7.16
CA ASN A 812 -22.73 -21.90 6.46
C ASN A 812 -23.92 -22.83 6.74
N ARG A 813 -24.33 -22.91 8.00
CA ARG A 813 -25.51 -23.70 8.39
C ARG A 813 -26.80 -23.15 7.77
N ALA A 814 -26.88 -21.82 7.66
CA ALA A 814 -28.08 -21.17 7.13
C ALA A 814 -28.23 -21.35 5.62
N ILE A 815 -27.10 -21.53 4.91
CA ILE A 815 -27.14 -21.68 3.45
C ILE A 815 -26.91 -23.12 2.98
N LYS A 816 -26.90 -24.06 3.93
CA LYS A 816 -26.66 -25.47 3.61
C LYS A 816 -27.64 -25.99 2.56
N GLY A 817 -27.10 -26.68 1.56
CA GLY A 817 -27.90 -27.27 0.49
C GLY A 817 -28.29 -26.29 -0.60
N ASN A 818 -28.14 -25.00 -0.32
CA ASN A 818 -28.43 -23.96 -1.30
C ASN A 818 -27.22 -23.71 -2.20
N ILE A 819 -27.32 -24.19 -3.44
CA ILE A 819 -26.18 -24.21 -4.36
C ILE A 819 -25.83 -22.83 -4.93
N ASP A 820 -26.75 -21.87 -4.79
CA ASP A 820 -26.56 -20.55 -5.38
C ASP A 820 -26.12 -19.45 -4.38
N ALA A 821 -26.07 -19.78 -3.09
CA ALA A 821 -25.60 -18.85 -2.07
C ALA A 821 -24.08 -18.73 -2.09
N PRO A 822 -23.55 -17.48 -2.05
CA PRO A 822 -22.09 -17.26 -2.09
C PRO A 822 -21.37 -17.85 -0.88
N GLN A 823 -20.29 -18.57 -1.15
CA GLN A 823 -19.49 -19.16 -0.09
C GLN A 823 -18.49 -18.15 0.47
N VAL A 824 -18.18 -18.27 1.76
CA VAL A 824 -17.10 -17.49 2.37
C VAL A 824 -15.77 -18.13 1.97
N VAL A 825 -14.88 -17.34 1.41
CA VAL A 825 -13.57 -17.81 0.97
C VAL A 825 -12.54 -17.60 2.09
N GLU A 826 -11.80 -18.66 2.40
CA GLU A 826 -10.74 -18.62 3.40
C GLU A 826 -9.77 -17.47 3.13
N GLY A 827 -9.50 -16.68 4.17
CA GLY A 827 -8.55 -15.57 4.08
C GLY A 827 -9.14 -14.24 3.62
N GLU A 828 -10.36 -14.26 3.09
CA GLU A 828 -11.01 -13.03 2.64
C GLU A 828 -11.80 -12.38 3.79
N LYS A 829 -12.45 -11.27 3.52
CA LYS A 829 -13.10 -10.49 4.58
C LYS A 829 -14.61 -10.68 4.61
N VAL A 830 -15.17 -10.64 5.82
CA VAL A 830 -16.62 -10.81 6.03
C VAL A 830 -17.20 -9.63 6.80
N TYR A 831 -18.42 -9.25 6.43
CA TYR A 831 -19.30 -8.44 7.30
C TYR A 831 -19.75 -9.31 8.47
N VAL A 832 -19.90 -8.70 9.65
CA VAL A 832 -20.34 -9.43 10.85
C VAL A 832 -21.43 -8.67 11.60
N LEU A 833 -22.53 -9.34 11.93
CA LEU A 833 -23.60 -8.76 12.72
C LEU A 833 -23.95 -9.64 13.92
N PRO A 834 -24.12 -9.03 15.11
CA PRO A 834 -24.62 -9.76 16.27
C PRO A 834 -26.12 -10.04 16.15
N LEU A 835 -26.55 -11.16 16.71
CA LEU A 835 -27.95 -11.60 16.64
C LEU A 835 -28.57 -11.73 18.02
N ARG A 836 -29.81 -11.28 18.17
CA ARG A 836 -30.54 -11.36 19.44
C ARG A 836 -30.81 -12.81 19.86
N GLU A 837 -31.05 -13.00 21.15
CA GLU A 837 -31.39 -14.31 21.71
C GLU A 837 -32.64 -14.90 21.05
N GLY A 838 -32.59 -16.19 20.77
CA GLY A 838 -33.74 -16.92 20.26
C GLY A 838 -33.94 -16.85 18.76
N ASN A 839 -32.99 -16.25 18.07
CA ASN A 839 -33.01 -16.16 16.60
C ASN A 839 -32.98 -17.55 15.96
N PRO A 840 -33.56 -17.68 14.75
CA PRO A 840 -33.66 -18.98 14.09
C PRO A 840 -32.35 -19.51 13.49
N PHE A 841 -31.26 -18.75 13.66
CA PHE A 841 -29.94 -19.18 13.21
C PHE A 841 -29.23 -20.00 14.29
N GLY A 842 -29.70 -19.88 15.52
CA GLY A 842 -29.19 -20.65 16.64
C GLY A 842 -27.81 -20.28 17.15
N ASP A 843 -27.46 -18.99 17.05
CA ASP A 843 -26.18 -18.49 17.56
C ASP A 843 -26.16 -16.96 17.63
N LYS A 844 -25.15 -16.40 18.29
CA LYS A 844 -25.13 -14.98 18.67
C LYS A 844 -24.64 -14.00 17.60
N CYS A 845 -24.24 -14.51 16.43
CA CYS A 845 -23.80 -13.65 15.34
C CYS A 845 -23.83 -14.35 13.99
N ILE A 846 -23.81 -13.56 12.91
CA ILE A 846 -23.68 -14.09 11.55
C ILE A 846 -22.66 -13.28 10.74
N ALA A 847 -22.02 -13.92 9.76
CA ALA A 847 -21.03 -13.28 8.90
C ALA A 847 -21.20 -13.73 7.46
N TRP A 848 -20.92 -12.83 6.52
CA TRP A 848 -21.05 -13.14 5.09
C TRP A 848 -20.04 -12.35 4.31
N PRO A 849 -19.73 -12.77 3.06
CA PRO A 849 -18.69 -12.08 2.28
C PRO A 849 -18.88 -10.55 2.23
N SER A 850 -17.84 -9.82 2.63
CA SER A 850 -17.86 -8.36 2.62
C SER A 850 -18.03 -7.82 1.20
N GLY A 851 -18.55 -6.60 1.09
CA GLY A 851 -18.81 -5.99 -0.21
C GLY A 851 -20.02 -6.57 -0.93
N THR A 852 -20.81 -7.39 -0.25
CA THR A 852 -22.01 -7.99 -0.86
C THR A 852 -23.24 -7.85 0.02
N GLU A 853 -24.41 -7.87 -0.61
CA GLU A 853 -25.68 -8.04 0.08
C GLU A 853 -25.75 -9.49 0.55
N ILE A 854 -26.23 -9.71 1.77
CA ILE A 854 -26.43 -11.07 2.26
C ILE A 854 -27.56 -11.73 1.44
N THR A 855 -27.36 -13.00 1.08
CA THR A 855 -28.28 -13.70 0.17
C THR A 855 -29.76 -13.58 0.57
N ASP A 856 -30.62 -13.39 -0.43
CA ASP A 856 -32.03 -13.05 -0.22
C ASP A 856 -32.82 -13.99 0.70
N LEU A 857 -32.49 -15.28 0.68
CA LEU A 857 -33.23 -16.25 1.48
C LEU A 857 -33.07 -16.09 2.99
N ILE A 858 -31.95 -15.52 3.42
CA ILE A 858 -31.70 -15.33 4.85
C ILE A 858 -31.63 -13.85 5.26
N LYS A 859 -31.67 -12.96 4.26
CA LYS A 859 -31.58 -11.52 4.50
C LYS A 859 -32.69 -10.99 5.40
N ASP A 860 -33.92 -11.46 5.16
CA ASP A 860 -35.08 -11.08 5.96
C ASP A 860 -34.91 -11.40 7.45
N ASP A 861 -34.40 -12.59 7.74
CA ASP A 861 -34.21 -13.03 9.13
C ASP A 861 -33.08 -12.26 9.81
N VAL A 862 -32.02 -11.96 9.06
CA VAL A 862 -30.92 -11.15 9.59
C VAL A 862 -31.44 -9.77 10.01
N LEU A 863 -32.15 -9.10 9.10
CA LEU A 863 -32.74 -7.79 9.39
C LEU A 863 -33.69 -7.82 10.58
N HIS A 864 -34.45 -8.91 10.71
CA HIS A 864 -35.39 -9.06 11.82
C HIS A 864 -34.69 -9.30 13.13
N TRP A 865 -33.58 -10.04 13.09
CA TRP A 865 -32.92 -10.48 14.33
C TRP A 865 -31.65 -9.75 14.71
N MET A 866 -31.20 -8.82 13.85
CA MET A 866 -30.05 -7.98 14.16
C MET A 866 -30.14 -7.44 15.57
N ASP A 867 -29.03 -7.49 16.30
CA ASP A 867 -29.03 -6.90 17.63
C ASP A 867 -28.45 -5.49 17.58
N TYR A 868 -29.35 -4.52 17.44
CA TYR A 868 -28.97 -3.09 17.37
C TYR A 868 -28.36 -2.58 18.66
N THR A 869 -28.88 -3.04 19.80
CA THR A 869 -28.40 -2.60 21.11
C THR A 869 -26.93 -2.98 21.28
N VAL A 870 -26.61 -4.23 20.99
CA VAL A 870 -25.24 -4.75 21.09
C VAL A 870 -24.31 -4.03 20.11
N LEU A 871 -24.82 -3.83 18.90
CA LEU A 871 -24.06 -3.18 17.83
C LEU A 871 -23.66 -1.76 18.19
N LEU A 872 -24.61 -0.98 18.71
CA LEU A 872 -24.36 0.40 19.14
C LEU A 872 -23.34 0.46 20.28
N GLU A 873 -23.54 -0.37 21.30
CA GLU A 873 -22.64 -0.44 22.46
C GLU A 873 -21.20 -0.81 22.09
N LYS A 874 -21.04 -1.86 21.30
CA LYS A 874 -19.72 -2.38 20.95
C LYS A 874 -18.92 -1.49 19.99
N THR A 875 -19.56 -1.01 18.94
CA THR A 875 -18.83 -0.35 17.85
C THR A 875 -18.79 1.16 18.02
N PHE A 876 -19.79 1.72 18.71
CA PHE A 876 -19.89 3.18 18.81
C PHE A 876 -19.69 3.70 20.22
N ILE A 877 -20.52 3.25 21.16
CA ILE A 877 -20.47 3.78 22.53
C ILE A 877 -19.13 3.50 23.23
N LYS A 878 -18.69 2.25 23.17
CA LYS A 878 -17.44 1.87 23.84
C LYS A 878 -16.19 2.60 23.31
N PRO A 879 -16.03 2.73 21.98
CA PRO A 879 -14.90 3.58 21.55
C PRO A 879 -15.05 5.04 21.95
N LEU A 880 -16.26 5.58 21.84
CA LEU A 880 -16.50 6.98 22.17
C LEU A 880 -16.22 7.23 23.67
N GLU A 881 -16.60 6.27 24.50
CA GLU A 881 -16.25 6.32 25.94
C GLU A 881 -14.73 6.43 26.16
N GLY A 882 -13.96 5.64 25.41
CA GLY A 882 -12.51 5.78 25.41
C GLY A 882 -12.06 7.18 25.06
N PHE A 883 -12.61 7.76 23.98
CA PHE A 883 -12.18 9.10 23.54
C PHE A 883 -12.49 10.16 24.60
N THR A 884 -13.73 10.13 25.09
CA THR A 884 -14.20 11.20 25.95
C THR A 884 -13.61 11.13 27.36
N SER A 885 -13.43 9.92 27.89
CA SER A 885 -12.80 9.78 29.20
C SER A 885 -11.35 10.27 29.15
N ALA A 886 -10.63 9.94 28.08
CA ALA A 886 -9.28 10.45 27.90
C ALA A 886 -9.31 12.00 27.85
N ALA A 887 -10.25 12.56 27.09
CA ALA A 887 -10.33 14.02 26.91
C ALA A 887 -10.98 14.75 28.08
N LYS A 888 -11.38 14.00 29.11
CA LYS A 888 -12.03 14.53 30.31
C LYS A 888 -13.30 15.30 29.95
N LEU A 889 -14.17 14.61 29.23
CA LEU A 889 -15.34 15.18 28.59
C LEU A 889 -16.45 14.14 28.68
N ASP A 890 -17.72 14.57 28.65
CA ASP A 890 -18.85 13.64 28.66
C ASP A 890 -19.61 13.69 27.34
N TYR A 891 -19.98 12.53 26.80
CA TYR A 891 -20.80 12.50 25.59
C TYR A 891 -22.30 12.57 25.92
N GLU A 892 -22.65 12.32 27.19
CA GLU A 892 -24.01 12.50 27.72
C GLU A 892 -23.96 13.40 28.94
N LYS A 893 -24.94 14.29 29.08
CA LYS A 893 -24.98 15.21 30.21
C LYS A 893 -25.10 14.44 31.54
N LYS A 894 -24.19 14.72 32.48
CA LYS A 894 -24.24 14.08 33.80
C LYS A 894 -25.35 14.69 34.65
N ALA A 895 -25.96 13.87 35.50
CA ALA A 895 -26.96 14.32 36.45
C ALA A 895 -26.32 15.27 37.47
N SER A 896 -27.06 16.29 37.88
CA SER A 896 -26.55 17.27 38.83
C SER A 896 -27.69 17.91 39.61
N LEU A 897 -27.33 18.80 40.53
CA LEU A 897 -28.28 19.53 41.35
C LEU A 897 -29.21 20.42 40.53
N PHE A 898 -28.74 20.82 39.35
CA PHE A 898 -29.52 21.65 38.43
C PHE A 898 -30.73 20.93 37.86
N ASP A 899 -30.72 19.61 37.92
CA ASP A 899 -31.86 18.80 37.48
C ASP A 899 -33.10 19.02 38.34
N MET A 900 -32.94 19.67 39.50
CA MET A 900 -34.05 20.02 40.37
C MET A 900 -34.88 21.18 39.82
N PHE A 901 -34.36 21.88 38.82
CA PHE A 901 -35.02 23.07 38.26
C PHE A 901 -35.67 22.81 36.91
N ASP A 902 -36.58 23.70 36.52
CA ASP A 902 -37.29 23.60 35.23
C ASP A 902 -36.67 24.57 34.20
N PHE A 903 -35.64 24.08 33.49
CA PHE A 903 -35.00 24.87 32.46
C PHE A 903 -35.62 24.55 31.10
O5' 3DR B 3 10.70 -9.99 2.07
P 3DR B 3 10.05 -10.59 0.60
OP1 3DR B 3 8.41 -10.79 0.43
OP2 3DR B 3 11.00 -10.62 -0.76
C2' 3DR B 3 11.29 -6.65 5.29
C5' 3DR B 3 10.02 -9.00 2.80
C4' 3DR B 3 11.11 -8.36 3.64
O4' 3DR B 3 11.58 -7.18 3.00
C1' 3DR B 3 11.63 -6.09 3.92
C3' 3DR B 3 10.59 -7.97 4.99
O3' 3DR B 3 10.95 -9.00 5.92
N1 DCP D . 9.54 1.98 9.46
C2 DCP D . 9.95 0.68 9.06
N3 DCP D . 9.18 -0.08 8.26
C4 DCP D . 8.00 0.40 7.81
C5 DCP D . 7.56 1.67 8.17
C6 DCP D . 8.36 2.46 9.01
O2 DCP D . 11.04 0.20 9.47
N4 DCP D . 7.24 -0.39 7.01
C1' DCP D . 10.43 2.77 10.31
C2' DCP D . 11.52 3.32 9.38
C3' DCP D . 11.12 4.75 9.09
C4' DCP D . 10.47 5.11 10.41
O4' DCP D . 9.77 3.93 10.83
O3' DCP D . 12.23 5.58 8.74
C5' DCP D . 9.52 6.28 10.34
O5' DCP D . 8.54 6.08 9.33
PA DCP D . 7.71 7.36 8.81
O1A DCP D . 6.36 6.94 8.37
O2A DCP D . 7.86 8.49 9.80
O3A DCP D . 8.49 7.85 7.48
PB DCP D . 10.05 8.11 7.26
O1B DCP D . 10.70 6.82 6.79
O2B DCP D . 10.75 8.91 8.33
O3B DCP D . 9.95 9.04 5.94
PG DCP D . 9.45 10.57 5.86
O1G DCP D . 8.20 10.44 5.03
O2G DCP D . 10.59 11.22 5.12
O3G DCP D . 9.27 11.08 7.26
CA CA E . 9.79 10.73 9.43
CA CA F . 6.67 9.72 11.75
CA CA G . -12.68 35.00 -8.01
CA CA H . 8.72 15.90 7.44
CA CA I . -17.95 -10.54 -14.00
#